data_6Q3X
#
_entry.id   6Q3X
#
_cell.length_a   107.730
_cell.length_b   151.680
_cell.length_c   230.580
_cell.angle_alpha   90.000
_cell.angle_beta   90.000
_cell.angle_gamma   90.000
#
_symmetry.space_group_name_H-M   'F 2 2 2'
#
loop_
_entity.id
_entity.type
_entity.pdbx_description
1 polymer Galactokinase
2 non-polymer beta-D-galactopyranose
3 non-polymer (4S)-2-METHYL-2,4-PENTANEDIOL
4 non-polymer "2-(1,3-benzoxazol-2-ylamino)spiro[1,6,7,8-tetrahydroquinazoline-4,1'-cyclohexane]-5-one"
5 water water
#
_entity_poly.entity_id   1
_entity_poly.type   'polypeptide(L)'
_entity_poly.pdbx_seq_one_letter_code
;HHAALRQPQVAELLAEARRAFREEFGAEPELAVSAPGRVNLIGEHTDYNQGLVLPMALELMTVLVGSPRKDGLVSLLTTS
EGADEPQRLQFPLPTAQRSLEPGTPRWANYVKGVIQYYPAAPLPGFSAVVVSSVPLGGGLSSSASLEVATYTFLQQLCPD
SGTIAARAQVCQQAEHSFAGMPCGIMDQFISLMGQKGHALLIDCRSLETSLVPLSDPKLAVLITNSNVRHSLASSEYPVR
RRQCEEVARALGAASLREVQLEELEAARDLVSKEGFRRARHVVGEIRRTAQAAAALRRGDYRAFGRLMVESHRSLRDDYE
VSCPELDQLVEAALAVPGVYGSRMTGGGFGGCTVTLLEASAAPHAMRHIQEHYGGTATFYLSQAADGAKVLCL
;
_entity_poly.pdbx_strand_id   A,B
#
loop_
_chem_comp.id
_chem_comp.type
_chem_comp.name
_chem_comp.formula
GAL D-saccharide, beta linking beta-D-galactopyranose 'C6 H12 O6'
HFK non-polymer 2-(1,3-benzoxazol-2-ylamino)spiro[1,6,7,8-tetrahydroquinazoline-4,1'-cyclohexane]-5-one 'C20 H22 N4 O2'
MPD non-polymer (4S)-2-METHYL-2,4-PENTANEDIOL 'C6 H14 O2'
#
# COMPACT_ATOMS: atom_id res chain seq x y z
N HIS A 1 -17.42 21.69 26.57
CA HIS A 1 -16.71 21.73 25.30
C HIS A 1 -16.95 20.44 24.52
N HIS A 2 -17.57 20.55 23.36
CA HIS A 2 -17.95 19.36 22.61
C HIS A 2 -17.89 19.64 21.11
N ALA A 3 -16.79 20.24 20.66
CA ALA A 3 -16.44 20.37 19.26
C ALA A 3 -15.15 19.60 18.99
N ALA A 4 -14.97 19.15 17.76
CA ALA A 4 -13.77 18.39 17.40
C ALA A 4 -12.52 19.26 17.53
N LEU A 5 -11.45 18.65 18.04
CA LEU A 5 -10.18 19.36 18.15
C LEU A 5 -9.62 19.68 16.77
N ARG A 6 -8.99 20.86 16.65
CA ARG A 6 -8.29 21.22 15.44
C ARG A 6 -7.25 20.15 15.10
N GLN A 7 -7.25 19.74 13.84
CA GLN A 7 -6.25 18.79 13.34
C GLN A 7 -5.35 19.54 12.37
N PRO A 8 -4.14 19.93 12.78
CA PRO A 8 -3.29 20.75 11.90
C PRO A 8 -3.07 20.07 10.55
N GLN A 9 -3.22 20.84 9.48
CA GLN A 9 -2.95 20.30 8.16
C GLN A 9 -1.45 20.23 7.92
N VAL A 10 -1.09 19.43 6.90
CA VAL A 10 0.33 19.16 6.64
C VAL A 10 1.09 20.45 6.35
N ALA A 11 0.50 21.38 5.59
CA ALA A 11 1.16 22.65 5.32
C ALA A 11 1.52 23.39 6.61
N GLU A 12 0.69 23.27 7.65
CA GLU A 12 0.98 23.89 8.94
C GLU A 12 2.14 23.21 9.66
N LEU A 13 2.13 21.87 9.69
CA LEU A 13 3.22 21.16 10.36
C LEU A 13 4.55 21.40 9.64
N LEU A 14 4.50 21.46 8.31
CA LEU A 14 5.71 21.71 7.55
C LEU A 14 6.27 23.11 7.82
N ALA A 15 5.38 24.12 7.87
CA ALA A 15 5.83 25.48 8.13
C ALA A 15 6.50 25.58 9.50
N GLU A 16 5.86 25.02 10.52
CA GLU A 16 6.44 25.01 11.86
C GLU A 16 7.81 24.34 11.87
N ALA A 17 7.91 23.15 11.25
CA ALA A 17 9.16 22.41 11.29
C ALA A 17 10.28 23.14 10.56
N ARG A 18 9.96 23.78 9.43
CA ARG A 18 10.98 24.50 8.67
C ARG A 18 11.41 25.77 9.38
N ARG A 19 10.49 26.47 10.05
CA ARG A 19 10.87 27.64 10.83
C ARG A 19 11.76 27.23 12.00
N ALA A 20 11.41 26.15 12.68
CA ALA A 20 12.26 25.67 13.76
C ALA A 20 13.61 25.21 13.25
N PHE A 21 13.67 24.70 12.01
CA PHE A 21 14.93 24.20 11.50
C PHE A 21 15.83 25.35 11.06
N ARG A 22 15.29 26.28 10.27
CA ARG A 22 16.07 27.43 9.84
C ARG A 22 16.65 28.17 11.05
N GLU A 23 15.81 28.39 12.07
CA GLU A 23 16.23 29.16 13.24
C GLU A 23 17.29 28.43 14.05
N GLU A 24 17.35 27.11 13.96
CA GLU A 24 18.29 26.31 14.77
C GLU A 24 19.58 25.96 14.05
N PHE A 25 19.52 25.66 12.75
CA PHE A 25 20.71 25.27 12.00
C PHE A 25 21.15 26.31 10.98
N GLY A 26 20.38 27.39 10.81
CA GLY A 26 20.78 28.46 9.91
C GLY A 26 20.80 28.13 8.44
N ALA A 27 19.97 27.19 8.00
CA ALA A 27 19.81 26.91 6.57
C ALA A 27 18.49 26.20 6.37
N GLU A 28 18.05 26.15 5.13
CA GLU A 28 16.75 25.53 4.83
C GLU A 28 16.90 24.01 4.76
N PRO A 29 16.02 23.26 5.40
CA PRO A 29 16.12 21.79 5.33
C PRO A 29 15.95 21.31 3.89
N GLU A 30 16.54 20.15 3.60
CA GLU A 30 16.50 19.59 2.24
C GLU A 30 15.44 18.52 2.05
N LEU A 31 14.94 17.90 3.12
CA LEU A 31 14.00 16.77 3.05
C LEU A 31 12.88 16.93 4.09
N ALA A 32 11.68 16.47 3.73
CA ALA A 32 10.59 16.33 4.68
C ALA A 32 9.97 14.94 4.56
N VAL A 33 9.61 14.34 5.70
CA VAL A 33 8.87 13.09 5.74
C VAL A 33 7.82 13.19 6.83
N SER A 34 6.82 12.30 6.76
CA SER A 34 5.77 12.28 7.77
C SER A 34 5.27 10.85 7.93
N ALA A 35 4.68 10.59 9.11
CA ALA A 35 4.03 9.32 9.31
C ALA A 35 2.92 9.56 10.33
N PRO A 36 1.77 8.92 10.16
CA PRO A 36 0.60 9.26 10.98
C PRO A 36 0.46 8.42 12.24
N GLY A 37 -0.35 8.95 13.15
CA GLY A 37 -0.94 8.14 14.20
C GLY A 37 -2.04 7.28 13.64
N ARG A 38 -2.73 6.57 14.52
CA ARG A 38 -3.72 5.61 14.05
C ARG A 38 -4.83 5.45 15.08
N VAL A 39 -5.98 4.96 14.62
CA VAL A 39 -7.01 4.42 15.50
C VAL A 39 -7.31 3.01 15.00
N ASN A 40 -7.54 2.09 15.93
CA ASN A 40 -7.89 0.73 15.58
C ASN A 40 -9.41 0.61 15.59
N LEU A 41 -10.01 0.28 14.43
CA LEU A 41 -11.46 0.19 14.38
C LEU A 41 -11.97 -1.02 15.16
N ILE A 42 -11.28 -2.16 15.03
CA ILE A 42 -11.63 -3.38 15.75
C ILE A 42 -10.46 -4.34 15.61
N GLY A 43 -10.35 -5.30 16.55
CA GLY A 43 -9.24 -6.24 16.53
C GLY A 43 -8.18 -5.86 17.56
N GLU A 44 -8.59 -5.88 18.83
CA GLU A 44 -7.78 -5.40 19.94
C GLU A 44 -7.14 -6.57 20.68
N HIS A 45 -5.86 -6.42 21.02
CA HIS A 45 -5.10 -7.46 21.71
C HIS A 45 -5.07 -8.76 20.92
N THR A 46 -5.05 -8.60 19.58
CA THR A 46 -4.87 -9.72 18.68
C THR A 46 -3.55 -9.69 17.95
N ASP A 47 -2.91 -8.52 17.78
CA ASP A 47 -1.75 -8.49 16.89
C ASP A 47 -0.61 -9.35 17.44
N TYR A 48 -0.31 -9.20 18.74
CA TYR A 48 0.74 -10.06 19.29
C TYR A 48 0.30 -11.51 19.44
N ASN A 49 -0.96 -11.82 19.13
CA ASN A 49 -1.43 -13.19 19.06
C ASN A 49 -1.52 -13.68 17.61
N GLN A 50 -0.84 -13.00 16.69
CA GLN A 50 -0.85 -13.34 15.28
C GLN A 50 -2.27 -13.33 14.70
N GLY A 51 -3.12 -12.43 15.19
CA GLY A 51 -4.50 -12.35 14.76
C GLY A 51 -4.71 -11.33 13.66
N LEU A 52 -5.93 -10.83 13.58
CA LEU A 52 -6.34 -9.82 12.60
C LEU A 52 -6.60 -8.50 13.31
N VAL A 53 -6.19 -7.40 12.67
CA VAL A 53 -6.47 -6.04 13.16
C VAL A 53 -6.95 -5.19 11.99
N LEU A 54 -7.72 -4.15 12.31
CA LEU A 54 -8.34 -3.29 11.29
C LEU A 54 -8.20 -1.82 11.70
N PRO A 55 -7.00 -1.28 11.63
CA PRO A 55 -6.80 0.14 11.96
C PRO A 55 -6.95 1.03 10.73
N MET A 56 -7.02 2.33 10.99
CA MET A 56 -6.85 3.29 9.92
C MET A 56 -5.90 4.38 10.40
N ALA A 57 -5.16 4.95 9.45
CA ALA A 57 -4.24 6.02 9.79
C ALA A 57 -5.01 7.33 9.92
N LEU A 58 -4.47 8.24 10.74
CA LEU A 58 -5.17 9.46 11.12
C LEU A 58 -4.51 10.67 10.47
N GLU A 59 -5.27 11.76 10.41
CA GLU A 59 -4.70 13.01 9.95
C GLU A 59 -3.74 13.61 10.97
N LEU A 60 -3.73 13.08 12.19
CA LEU A 60 -2.73 13.43 13.18
C LEU A 60 -1.41 12.71 12.85
N MET A 61 -0.32 13.46 12.78
CA MET A 61 0.90 12.89 12.23
C MET A 61 2.14 13.51 12.87
N THR A 62 3.29 12.89 12.58
CA THR A 62 4.59 13.37 12.97
C THR A 62 5.36 13.76 11.72
N VAL A 63 5.99 14.92 11.74
CA VAL A 63 6.76 15.43 10.62
C VAL A 63 8.24 15.55 11.02
N LEU A 64 9.12 15.02 10.18
CA LEU A 64 10.56 15.29 10.25
C LEU A 64 10.97 16.12 9.05
N VAL A 65 11.75 17.16 9.32
CA VAL A 65 12.37 18.00 8.30
C VAL A 65 13.86 18.08 8.64
N GLY A 66 14.72 17.88 7.65
CA GLY A 66 16.13 17.81 7.99
C GLY A 66 17.02 17.70 6.75
N SER A 67 18.29 17.37 7.01
CA SER A 67 19.31 17.39 5.97
C SER A 67 20.44 16.45 6.37
N PRO A 68 21.13 15.83 5.41
CA PRO A 68 22.27 14.98 5.78
C PRO A 68 23.47 15.82 6.19
N ARG A 69 24.27 15.25 7.09
CA ARG A 69 25.51 15.84 7.54
C ARG A 69 26.67 14.99 7.06
N LYS A 70 27.86 15.57 7.03
CA LYS A 70 29.06 14.86 6.63
C LYS A 70 29.93 14.44 7.81
N ASP A 71 29.60 14.85 9.03
CA ASP A 71 30.45 14.64 10.19
C ASP A 71 29.99 13.48 11.07
N GLY A 72 29.12 12.61 10.58
CA GLY A 72 28.71 11.46 11.37
C GLY A 72 27.93 11.79 12.62
N LEU A 73 27.44 13.01 12.74
CA LEU A 73 26.65 13.44 13.88
C LEU A 73 25.15 13.39 13.58
N VAL A 74 24.37 12.99 14.58
CA VAL A 74 22.92 13.09 14.58
C VAL A 74 22.53 14.24 15.50
N SER A 75 21.88 15.26 14.95
CA SER A 75 21.50 16.44 15.71
C SER A 75 19.99 16.66 15.61
N LEU A 76 19.30 16.55 16.75
CA LEU A 76 17.83 16.55 16.79
C LEU A 76 17.29 17.74 17.58
N LEU A 77 16.20 18.32 17.08
CA LEU A 77 15.40 19.29 17.80
C LEU A 77 13.93 18.92 17.63
N THR A 78 13.18 18.87 18.72
CA THR A 78 11.72 18.72 18.65
C THR A 78 11.03 19.96 19.18
N THR A 79 9.94 20.37 18.52
CA THR A 79 9.13 21.49 18.96
C THR A 79 7.93 21.07 19.80
N SER A 80 7.80 19.78 20.11
CA SER A 80 6.60 19.29 20.77
C SER A 80 6.62 19.67 22.24
N GLU A 81 5.56 20.36 22.67
CA GLU A 81 5.53 20.97 24.01
C GLU A 81 5.72 19.94 25.11
N GLY A 82 5.04 18.79 25.00
CA GLY A 82 5.04 17.74 26.00
C GLY A 82 6.17 16.72 25.94
N ALA A 83 7.10 16.86 25.01
CA ALA A 83 8.28 16.01 25.01
C ALA A 83 9.20 16.40 26.17
N ASP A 84 9.79 15.39 26.83
CA ASP A 84 10.58 15.68 28.02
C ASP A 84 11.92 16.32 27.64
N GLU A 85 12.50 17.04 28.61
CA GLU A 85 13.73 17.78 28.38
C GLU A 85 14.92 16.83 28.35
N PRO A 86 15.96 17.15 27.55
CA PRO A 86 16.07 18.27 26.62
C PRO A 86 15.37 18.04 25.28
N GLN A 87 14.90 19.12 24.66
CA GLN A 87 14.33 19.04 23.32
C GLN A 87 15.37 19.21 22.20
N ARG A 88 16.55 19.77 22.51
CA ARG A 88 17.73 19.68 21.66
C ARG A 88 18.55 18.48 22.09
N LEU A 89 19.08 17.73 21.12
CA LEU A 89 19.84 16.53 21.46
C LEU A 89 20.79 16.20 20.33
N GLN A 90 21.99 15.72 20.68
CA GLN A 90 22.91 15.26 19.66
C GLN A 90 23.56 13.96 20.12
N PHE A 91 24.00 13.18 19.15
CA PHE A 91 24.79 12.00 19.42
C PHE A 91 25.43 11.53 18.13
N PRO A 92 26.62 10.92 18.18
CA PRO A 92 27.22 10.38 16.97
C PRO A 92 26.53 9.10 16.55
N LEU A 93 26.65 8.79 15.26
CA LEU A 93 26.10 7.56 14.73
C LEU A 93 26.70 6.36 15.45
N PRO A 94 25.91 5.34 15.77
CA PRO A 94 26.47 4.15 16.38
C PRO A 94 27.39 3.45 15.40
N THR A 95 28.30 2.64 15.96
CA THR A 95 29.22 1.80 15.20
C THR A 95 29.27 0.45 15.88
N ALA A 96 30.04 -0.49 15.30
CA ALA A 96 30.26 -1.74 16.00
C ALA A 96 30.97 -1.50 17.33
N GLN A 97 31.73 -0.41 17.42
CA GLN A 97 32.38 -0.04 18.69
C GLN A 97 31.37 0.46 19.71
N ARG A 98 30.67 1.56 19.41
CA ARG A 98 29.70 2.16 20.33
C ARG A 98 28.31 2.10 19.71
N SER A 99 27.42 1.31 20.32
CA SER A 99 26.03 1.31 19.91
C SER A 99 25.23 2.29 20.79
N LEU A 100 24.16 2.82 20.22
CA LEU A 100 23.28 3.69 21.00
C LEU A 100 22.59 2.90 22.09
N GLU A 101 22.17 3.60 23.13
CA GLU A 101 21.49 2.98 24.25
C GLU A 101 20.32 3.83 24.68
N PRO A 102 19.27 3.21 25.24
CA PRO A 102 18.16 4.00 25.78
C PRO A 102 18.63 4.87 26.94
N GLY A 103 18.18 6.11 26.93
CA GLY A 103 18.45 7.03 28.02
C GLY A 103 17.44 8.16 28.10
N THR A 104 17.92 9.37 28.29
CA THR A 104 17.12 10.56 28.41
C THR A 104 17.54 11.55 27.33
N PRO A 105 16.60 12.32 26.77
CA PRO A 105 15.16 12.32 27.03
C PRO A 105 14.44 11.09 26.44
N ARG A 106 13.30 10.72 27.03
CA ARG A 106 12.60 9.51 26.57
C ARG A 106 12.15 9.63 25.12
N TRP A 107 11.77 10.82 24.67
CA TRP A 107 11.21 10.94 23.32
C TRP A 107 12.24 10.59 22.26
N ALA A 108 13.53 10.75 22.55
CA ALA A 108 14.56 10.39 21.58
C ALA A 108 14.92 8.92 21.61
N ASN A 109 14.48 8.17 22.62
CA ASN A 109 14.69 6.73 22.59
C ASN A 109 14.04 6.10 21.36
N TYR A 110 12.94 6.70 20.87
CA TYR A 110 12.29 6.17 19.67
C TYR A 110 13.16 6.41 18.44
N VAL A 111 13.77 7.59 18.34
CA VAL A 111 14.60 7.87 17.18
C VAL A 111 15.88 7.05 17.23
N LYS A 112 16.52 6.97 18.41
CA LYS A 112 17.73 6.18 18.57
C LYS A 112 17.50 4.72 18.26
N GLY A 113 16.44 4.13 18.83
CA GLY A 113 16.12 2.74 18.54
C GLY A 113 16.08 2.43 17.05
N VAL A 114 15.48 3.33 16.28
CA VAL A 114 15.31 3.07 14.84
C VAL A 114 16.63 3.23 14.11
N ILE A 115 17.40 4.26 14.45
CA ILE A 115 18.73 4.40 13.87
C ILE A 115 19.57 3.18 14.18
N GLN A 116 19.43 2.65 15.40
CA GLN A 116 20.26 1.54 15.86
C GLN A 116 20.02 0.27 15.06
N TYR A 117 18.75 -0.06 14.81
CA TYR A 117 18.39 -1.28 14.11
C TYR A 117 18.19 -1.08 12.62
N TYR A 118 18.46 0.12 12.10
CA TYR A 118 18.24 0.38 10.68
C TYR A 118 19.11 -0.58 9.86
N PRO A 119 18.53 -1.31 8.90
CA PRO A 119 19.22 -2.47 8.32
C PRO A 119 20.17 -2.17 7.16
N ALA A 120 20.28 -0.94 6.68
CA ALA A 120 21.12 -0.63 5.53
C ALA A 120 22.22 0.36 5.92
N ALA A 121 23.33 0.31 5.18
CA ALA A 121 24.49 1.15 5.40
C ALA A 121 25.06 1.57 4.06
N PRO A 122 25.85 2.64 4.02
CA PRO A 122 26.22 3.46 5.19
C PRO A 122 25.21 4.57 5.48
N LEU A 123 24.81 4.69 6.73
CA LEU A 123 23.97 5.79 7.16
C LEU A 123 24.81 7.01 7.45
N PRO A 124 24.59 8.14 6.79
CA PRO A 124 25.25 9.38 7.20
C PRO A 124 24.63 9.94 8.48
N GLY A 125 25.26 10.99 9.01
CA GLY A 125 24.63 11.77 10.05
C GLY A 125 23.63 12.76 9.46
N PHE A 126 22.82 13.34 10.33
CA PHE A 126 21.81 14.25 9.82
C PHE A 126 21.38 15.21 10.91
N SER A 127 20.82 16.33 10.48
CA SER A 127 20.11 17.27 11.33
C SER A 127 18.62 17.21 11.00
N ALA A 128 17.78 17.22 12.04
CA ALA A 128 16.34 17.06 11.83
C ALA A 128 15.54 17.71 12.96
N VAL A 129 14.42 18.33 12.58
CA VAL A 129 13.43 18.85 13.52
C VAL A 129 12.22 17.93 13.52
N VAL A 130 11.72 17.59 14.70
CA VAL A 130 10.57 16.72 14.88
C VAL A 130 9.40 17.57 15.35
N VAL A 131 8.29 17.51 14.62
CA VAL A 131 7.02 18.11 15.05
C VAL A 131 5.96 17.02 14.97
N SER A 132 4.96 17.10 15.85
CA SER A 132 3.89 16.11 15.80
C SER A 132 2.58 16.69 16.33
N SER A 133 1.49 16.38 15.65
CA SER A 133 0.15 16.66 16.14
C SER A 133 -0.49 15.46 16.84
N VAL A 134 0.20 14.33 16.91
CA VAL A 134 -0.38 13.19 17.63
C VAL A 134 -0.29 13.46 19.13
N PRO A 135 -1.39 13.41 19.88
CA PRO A 135 -1.30 13.63 21.33
C PRO A 135 -0.38 12.61 21.98
N LEU A 136 0.71 13.10 22.58
CA LEU A 136 1.77 12.23 23.07
C LEU A 136 1.24 11.24 24.10
N GLY A 137 1.38 9.95 23.81
CA GLY A 137 0.84 8.94 24.68
C GLY A 137 -0.66 9.03 24.91
N GLY A 138 -1.41 9.68 24.01
CA GLY A 138 -2.85 9.72 24.10
C GLY A 138 -3.58 8.48 23.64
N GLY A 139 -2.87 7.45 23.19
CA GLY A 139 -3.48 6.23 22.72
C GLY A 139 -3.66 6.11 21.22
N LEU A 140 -3.11 7.04 20.45
CA LEU A 140 -3.21 7.05 18.99
C LEU A 140 -1.84 6.84 18.35
N SER A 141 -0.88 6.29 19.11
CA SER A 141 0.37 5.76 18.58
C SER A 141 1.33 6.86 18.17
N SER A 142 1.52 7.85 19.06
CA SER A 142 2.52 8.87 18.81
C SER A 142 3.90 8.25 18.62
N SER A 143 4.26 7.25 19.45
CA SER A 143 5.60 6.66 19.33
C SER A 143 5.78 5.98 17.98
N ALA A 144 4.80 5.16 17.56
CA ALA A 144 4.92 4.50 16.27
C ALA A 144 5.08 5.51 15.13
N SER A 145 4.36 6.64 15.21
CA SER A 145 4.46 7.61 14.13
C SER A 145 5.84 8.28 14.11
N LEU A 146 6.43 8.50 15.28
CA LEU A 146 7.80 9.00 15.32
C LEU A 146 8.79 7.97 14.79
N GLU A 147 8.64 6.72 15.22
CA GLU A 147 9.51 5.66 14.70
C GLU A 147 9.42 5.59 13.18
N VAL A 148 8.20 5.60 12.64
CA VAL A 148 8.05 5.37 11.21
C VAL A 148 8.49 6.59 10.42
N ALA A 149 8.23 7.80 10.94
CA ALA A 149 8.79 8.99 10.30
C ALA A 149 10.31 8.96 10.30
N THR A 150 10.93 8.53 11.40
CA THR A 150 12.39 8.38 11.43
C THR A 150 12.85 7.36 10.39
N TYR A 151 12.26 6.17 10.40
CA TYR A 151 12.60 5.18 9.40
C TYR A 151 12.51 5.76 7.98
N THR A 152 11.41 6.47 7.70
CA THR A 152 11.19 7.01 6.36
C THR A 152 12.26 8.04 6.02
N PHE A 153 12.73 8.80 7.02
CA PHE A 153 13.83 9.73 6.81
C PHE A 153 15.13 9.00 6.49
N LEU A 154 15.48 7.99 7.31
CA LEU A 154 16.71 7.21 7.07
C LEU A 154 16.74 6.64 5.66
N GLN A 155 15.58 6.20 5.15
CA GLN A 155 15.49 5.70 3.79
C GLN A 155 15.95 6.73 2.77
N GLN A 156 15.69 8.02 3.03
CA GLN A 156 16.14 9.02 2.08
C GLN A 156 17.66 9.21 2.16
N LEU A 157 18.26 9.00 3.33
CA LEU A 157 19.70 9.08 3.48
C LEU A 157 20.40 7.83 2.96
N CYS A 158 19.80 6.65 3.19
CA CYS A 158 20.43 5.38 2.82
C CYS A 158 19.34 4.39 2.46
N PRO A 159 18.93 4.34 1.19
CA PRO A 159 17.82 3.46 0.80
C PRO A 159 18.02 2.04 1.30
N ASP A 160 17.01 1.51 1.98
CA ASP A 160 17.04 0.09 2.23
C ASP A 160 16.58 -0.63 0.96
N SER A 161 16.83 -1.91 0.91
CA SER A 161 16.36 -2.68 -0.24
C SER A 161 15.34 -3.71 0.22
N GLY A 162 14.48 -3.31 1.16
CA GLY A 162 13.74 -4.24 1.96
C GLY A 162 12.23 -4.16 1.74
N THR A 163 11.52 -4.79 2.67
CA THR A 163 10.08 -4.98 2.56
C THR A 163 9.37 -4.20 3.66
N ILE A 164 8.06 -4.03 3.47
CA ILE A 164 7.29 -3.23 4.43
C ILE A 164 7.31 -3.89 5.81
N ALA A 165 7.18 -5.21 5.86
CA ALA A 165 7.17 -5.91 7.14
C ALA A 165 8.50 -5.73 7.87
N ALA A 166 9.61 -5.82 7.14
CA ALA A 166 10.92 -5.61 7.76
C ALA A 166 11.01 -4.24 8.40
N ARG A 167 10.48 -3.21 7.73
CA ARG A 167 10.48 -1.87 8.28
C ARG A 167 9.64 -1.78 9.54
N ALA A 168 8.41 -2.31 9.50
CA ALA A 168 7.56 -2.30 10.68
C ALA A 168 8.26 -2.98 11.84
N GLN A 169 8.96 -4.09 11.56
CA GLN A 169 9.59 -4.85 12.63
C GLN A 169 10.81 -4.14 13.19
N VAL A 170 11.57 -3.42 12.36
CA VAL A 170 12.62 -2.54 12.88
C VAL A 170 12.03 -1.56 13.86
N CYS A 171 10.91 -0.93 13.49
CA CYS A 171 10.29 0.06 14.36
C CYS A 171 9.72 -0.59 15.61
N GLN A 172 9.17 -1.80 15.48
CA GLN A 172 8.69 -2.54 16.64
C GLN A 172 9.85 -2.91 17.58
N GLN A 173 11.01 -3.23 17.01
CA GLN A 173 12.18 -3.55 17.83
C GLN A 173 12.62 -2.35 18.65
N ALA A 174 12.67 -1.18 18.03
CA ALA A 174 12.99 0.04 18.78
C ALA A 174 12.04 0.21 19.95
N GLU A 175 10.74 0.03 19.71
CA GLU A 175 9.76 0.15 20.78
C GLU A 175 10.08 -0.81 21.92
N HIS A 176 10.35 -2.08 21.59
CA HIS A 176 10.63 -3.09 22.62
C HIS A 176 11.85 -2.72 23.43
N SER A 177 12.98 -2.49 22.76
CA SER A 177 14.30 -2.40 23.38
C SER A 177 14.63 -1.00 23.88
N PHE A 178 14.24 0.03 23.15
CA PHE A 178 14.60 1.36 23.56
C PHE A 178 13.52 2.04 24.39
N ALA A 179 12.30 1.51 24.37
CA ALA A 179 11.20 2.09 25.15
C ALA A 179 10.61 1.12 26.15
N GLY A 180 11.06 -0.14 26.18
CA GLY A 180 10.50 -1.11 27.11
C GLY A 180 9.01 -1.36 26.98
N MET A 181 8.46 -1.26 25.77
CA MET A 181 7.04 -1.57 25.56
CA MET A 181 7.04 -1.55 25.55
C MET A 181 6.92 -2.72 24.57
N PRO A 182 6.53 -3.93 25.02
CA PRO A 182 6.54 -5.13 24.16
C PRO A 182 5.33 -5.21 23.22
N CYS A 183 5.20 -4.20 22.36
CA CYS A 183 4.02 -4.07 21.53
C CYS A 183 3.99 -5.12 20.41
N GLY A 184 2.81 -5.30 19.82
CA GLY A 184 2.67 -6.00 18.56
C GLY A 184 3.07 -5.12 17.40
N ILE A 185 2.73 -5.57 16.19
CA ILE A 185 3.18 -4.94 14.96
C ILE A 185 2.16 -3.96 14.36
N MET A 186 0.92 -3.92 14.86
CA MET A 186 -0.13 -3.12 14.25
C MET A 186 0.28 -1.66 14.07
N ASP A 187 0.72 -1.01 15.15
CA ASP A 187 0.83 0.44 15.12
C ASP A 187 1.85 0.87 14.07
N GLN A 188 2.97 0.15 13.97
CA GLN A 188 3.99 0.52 12.98
C GLN A 188 3.51 0.23 11.57
N PHE A 189 2.81 -0.89 11.39
CA PHE A 189 2.36 -1.29 10.07
C PHE A 189 1.38 -0.26 9.47
N ILE A 190 0.38 0.17 10.25
CA ILE A 190 -0.59 1.11 9.69
C ILE A 190 0.05 2.47 9.44
N SER A 191 0.96 2.90 10.31
CA SER A 191 1.65 4.17 10.09
C SER A 191 2.44 4.12 8.79
N LEU A 192 3.03 2.94 8.49
CA LEU A 192 3.75 2.74 7.25
C LEU A 192 2.80 2.66 6.05
N MET A 193 1.75 1.85 6.15
CA MET A 193 1.00 1.44 4.96
C MET A 193 -0.40 2.03 4.85
N GLY A 194 -0.78 2.96 5.72
CA GLY A 194 -2.06 3.61 5.56
C GLY A 194 -2.22 4.24 4.19
N GLN A 195 -3.47 4.37 3.74
CA GLN A 195 -3.79 5.16 2.54
C GLN A 195 -5.08 5.94 2.78
N LYS A 196 -5.09 7.18 2.31
CA LYS A 196 -6.28 8.04 2.39
C LYS A 196 -7.52 7.28 1.93
N GLY A 197 -8.61 7.40 2.69
CA GLY A 197 -9.86 6.77 2.31
C GLY A 197 -9.90 5.27 2.45
N HIS A 198 -9.02 4.68 3.29
CA HIS A 198 -8.95 3.23 3.48
C HIS A 198 -8.65 2.86 4.92
N ALA A 199 -9.24 1.75 5.38
CA ALA A 199 -8.74 1.02 6.54
C ALA A 199 -7.78 -0.06 6.06
N LEU A 200 -6.92 -0.54 6.97
CA LEU A 200 -5.96 -1.57 6.60
C LEU A 200 -6.26 -2.82 7.41
N LEU A 201 -6.74 -3.88 6.75
CA LEU A 201 -6.85 -5.17 7.40
C LEU A 201 -5.48 -5.82 7.41
N ILE A 202 -4.92 -6.08 8.60
CA ILE A 202 -3.59 -6.66 8.72
C ILE A 202 -3.73 -8.08 9.27
N ASP A 203 -3.26 -9.06 8.49
CA ASP A 203 -3.09 -10.42 8.99
C ASP A 203 -1.72 -10.52 9.62
N CYS A 204 -1.68 -10.57 10.95
CA CYS A 204 -0.44 -10.56 11.71
C CYS A 204 0.23 -11.93 11.75
N ARG A 205 -0.35 -12.97 11.15
CA ARG A 205 0.36 -14.23 10.95
C ARG A 205 1.08 -14.26 9.60
N SER A 206 0.32 -14.09 8.51
CA SER A 206 0.88 -14.13 7.16
C SER A 206 1.53 -12.83 6.74
N LEU A 207 1.22 -11.73 7.42
CA LEU A 207 1.65 -10.40 7.02
C LEU A 207 1.02 -9.97 5.69
N GLU A 208 -0.06 -10.64 5.29
CA GLU A 208 -0.91 -10.13 4.23
C GLU A 208 -1.69 -8.92 4.74
N THR A 209 -1.89 -7.93 3.85
CA THR A 209 -2.66 -6.74 4.19
C THR A 209 -3.66 -6.46 3.07
N SER A 210 -4.78 -5.83 3.44
CA SER A 210 -5.77 -5.41 2.45
C SER A 210 -6.17 -3.97 2.74
N LEU A 211 -6.20 -3.16 1.69
CA LEU A 211 -6.71 -1.80 1.79
C LEU A 211 -8.20 -1.81 1.49
N VAL A 212 -9.02 -1.64 2.53
CA VAL A 212 -10.48 -1.73 2.43
C VAL A 212 -11.02 -0.31 2.32
N PRO A 213 -11.67 0.06 1.21
CA PRO A 213 -12.22 1.41 1.11
C PRO A 213 -13.07 1.75 2.32
N LEU A 214 -12.85 2.96 2.85
CA LEU A 214 -13.57 3.47 4.00
C LEU A 214 -13.74 4.95 3.72
N SER A 215 -14.63 5.26 2.79
CA SER A 215 -14.83 6.64 2.36
C SER A 215 -16.28 6.75 1.88
N ASP A 216 -17.09 7.36 2.68
CA ASP A 216 -18.53 7.52 2.48
C ASP A 216 -18.88 8.82 3.16
N PRO A 217 -19.27 9.85 2.39
CA PRO A 217 -19.67 11.13 3.01
C PRO A 217 -20.60 10.98 4.18
N LYS A 218 -21.42 9.94 4.22
CA LYS A 218 -22.41 9.83 5.29
C LYS A 218 -21.87 9.11 6.54
N LEU A 219 -20.65 8.61 6.50
CA LEU A 219 -20.05 7.85 7.60
C LEU A 219 -18.96 8.67 8.28
N ALA A 220 -18.92 8.65 9.61
CA ALA A 220 -17.87 9.33 10.35
C ALA A 220 -17.23 8.37 11.37
N VAL A 221 -15.96 8.62 11.69
CA VAL A 221 -15.26 7.95 12.78
C VAL A 221 -14.95 9.01 13.82
N LEU A 222 -15.56 8.86 15.00
CA LEU A 222 -15.40 9.79 16.11
C LEU A 222 -14.45 9.17 17.12
N ILE A 223 -13.33 9.84 17.39
CA ILE A 223 -12.39 9.41 18.42
C ILE A 223 -12.60 10.27 19.66
N THR A 224 -12.82 9.64 20.81
CA THR A 224 -13.02 10.35 22.08
C THR A 224 -11.90 9.98 23.04
N ASN A 225 -11.13 10.98 23.44
CA ASN A 225 -10.03 10.79 24.38
C ASN A 225 -10.59 10.94 25.79
N SER A 226 -10.49 9.87 26.58
CA SER A 226 -10.91 9.93 27.98
C SER A 226 -10.05 10.88 28.79
N ASN A 227 -8.83 11.17 28.32
CA ASN A 227 -7.89 12.01 29.06
C ASN A 227 -7.58 11.46 30.45
N VAL A 228 -7.64 10.14 30.61
CA VAL A 228 -7.12 9.47 31.79
C VAL A 228 -6.20 8.34 31.33
N ARG A 229 -5.26 7.98 32.21
CA ARG A 229 -4.27 6.94 31.91
C ARG A 229 -3.93 6.25 33.23
N HIS A 230 -4.56 5.12 33.51
CA HIS A 230 -4.30 4.42 34.76
C HIS A 230 -2.92 3.79 34.74
N SER A 231 -2.26 3.78 35.90
CA SER A 231 -0.91 3.22 35.99
C SER A 231 -0.90 1.74 35.62
N LEU A 232 -1.95 1.01 35.99
CA LEU A 232 -2.11 -0.40 35.64
C LEU A 232 -1.73 -0.68 34.20
N ALA A 233 -2.11 0.22 33.28
CA ALA A 233 -1.90 0.05 31.85
C ALA A 233 -0.56 -0.60 31.52
N SER A 234 0.54 0.06 31.91
CA SER A 234 1.86 -0.43 31.51
C SER A 234 2.13 -1.83 32.06
N SER A 235 1.74 -2.09 33.32
CA SER A 235 2.11 -3.35 33.96
C SER A 235 1.23 -4.51 33.52
N GLU A 236 -0.06 -4.29 33.23
CA GLU A 236 -0.94 -5.39 32.85
C GLU A 236 -0.72 -5.87 31.43
N TYR A 237 -0.21 -5.02 30.52
CA TYR A 237 -0.01 -5.45 29.15
C TYR A 237 0.81 -6.73 29.06
N PRO A 238 2.02 -6.81 29.65
CA PRO A 238 2.76 -8.08 29.59
C PRO A 238 2.08 -9.22 30.34
N VAL A 239 1.32 -8.93 31.39
CA VAL A 239 0.57 -10.00 32.06
C VAL A 239 -0.43 -10.63 31.09
N ARG A 240 -1.07 -9.82 30.25
CA ARG A 240 -2.02 -10.36 29.28
C ARG A 240 -1.33 -11.20 28.24
N ARG A 241 -0.20 -10.72 27.70
CA ARG A 241 0.56 -11.55 26.77
C ARG A 241 0.86 -12.90 27.40
N ARG A 242 1.36 -12.89 28.64
CA ARG A 242 1.81 -14.13 29.26
C ARG A 242 0.65 -15.08 29.51
N GLN A 243 -0.52 -14.54 29.88
CA GLN A 243 -1.72 -15.37 30.01
C GLN A 243 -2.14 -15.97 28.67
N CYS A 244 -1.96 -15.22 27.57
CA CYS A 244 -2.25 -15.76 26.25
C CYS A 244 -1.32 -16.94 25.92
N GLU A 245 -0.02 -16.79 26.22
CA GLU A 245 0.92 -17.86 25.93
C GLU A 245 0.54 -19.13 26.67
N GLU A 246 0.01 -19.00 27.88
CA GLU A 246 -0.32 -20.17 28.68
C GLU A 246 -1.36 -21.03 27.98
N VAL A 247 -2.43 -20.40 27.47
CA VAL A 247 -3.48 -21.12 26.78
C VAL A 247 -2.96 -21.73 25.49
N ALA A 248 -2.15 -20.98 24.74
CA ALA A 248 -1.57 -21.52 23.50
C ALA A 248 -0.78 -22.79 23.79
N ARG A 249 0.09 -22.76 24.80
CA ARG A 249 0.84 -23.96 25.15
C ARG A 249 -0.08 -25.11 25.51
N ALA A 250 -1.16 -24.83 26.25
CA ALA A 250 -2.02 -25.91 26.73
C ALA A 250 -2.80 -26.55 25.59
N LEU A 251 -3.08 -25.80 24.54
CA LEU A 251 -3.76 -26.35 23.37
C LEU A 251 -2.78 -26.82 22.30
N GLY A 252 -1.49 -26.84 22.61
CA GLY A 252 -0.49 -27.27 21.64
C GLY A 252 -0.36 -26.36 20.44
N ALA A 253 -0.62 -25.06 20.61
CA ALA A 253 -0.74 -24.13 19.49
C ALA A 253 0.46 -23.18 19.44
N ALA A 254 0.93 -22.90 18.23
CA ALA A 254 1.99 -21.92 18.05
C ALA A 254 1.59 -20.54 18.57
N SER A 255 0.32 -20.19 18.44
CA SER A 255 -0.20 -18.92 18.92
C SER A 255 -1.70 -19.10 19.05
N LEU A 256 -2.37 -18.09 19.59
CA LEU A 256 -3.82 -18.24 19.69
C LEU A 256 -4.53 -18.10 18.35
N ARG A 257 -3.85 -17.60 17.30
CA ARG A 257 -4.48 -17.62 15.97
C ARG A 257 -4.83 -19.04 15.54
N GLU A 258 -4.01 -20.03 15.94
CA GLU A 258 -4.23 -21.43 15.57
C GLU A 258 -5.37 -22.07 16.35
N VAL A 259 -5.97 -21.37 17.30
CA VAL A 259 -6.96 -21.96 18.20
C VAL A 259 -8.33 -21.45 17.81
N GLN A 260 -9.21 -22.37 17.44
CA GLN A 260 -10.57 -22.03 17.12
C GLN A 260 -11.39 -21.85 18.39
N LEU A 261 -12.38 -20.98 18.31
CA LEU A 261 -13.28 -20.72 19.42
C LEU A 261 -13.88 -22.01 19.97
N GLU A 262 -14.13 -22.98 19.09
CA GLU A 262 -14.73 -24.24 19.54
C GLU A 262 -13.70 -25.18 20.15
N GLU A 263 -12.44 -25.12 19.71
CA GLU A 263 -11.39 -25.90 20.37
C GLU A 263 -11.17 -25.42 21.79
N LEU A 264 -11.20 -24.10 22.00
CA LEU A 264 -11.09 -23.52 23.33
C LEU A 264 -12.18 -24.07 24.25
N GLU A 265 -13.44 -23.92 23.85
CA GLU A 265 -14.56 -24.42 24.64
C GLU A 265 -14.34 -25.85 25.07
N ALA A 266 -13.68 -26.65 24.25
CA ALA A 266 -13.42 -28.06 24.50
C ALA A 266 -12.23 -28.31 25.43
N ALA A 267 -11.49 -27.30 25.85
CA ALA A 267 -10.26 -27.51 26.62
C ALA A 267 -10.22 -26.64 27.87
N ARG A 268 -11.38 -26.42 28.51
CA ARG A 268 -11.45 -25.55 29.68
C ARG A 268 -10.53 -26.01 30.80
N ASP A 269 -10.49 -27.32 31.07
CA ASP A 269 -9.83 -27.79 32.28
C ASP A 269 -8.32 -27.73 32.17
N LEU A 270 -7.78 -27.69 30.95
CA LEU A 270 -6.34 -27.61 30.77
C LEU A 270 -5.79 -26.26 31.17
N VAL A 271 -6.64 -25.22 31.31
CA VAL A 271 -6.21 -23.88 31.63
C VAL A 271 -7.07 -23.29 32.74
N SER A 272 -6.49 -22.29 33.41
CA SER A 272 -7.12 -21.57 34.50
C SER A 272 -8.44 -20.90 34.05
N LYS A 273 -9.11 -20.29 35.03
CA LYS A 273 -10.31 -19.53 34.72
C LYS A 273 -9.97 -18.22 34.01
N GLU A 274 -8.95 -17.51 34.48
CA GLU A 274 -8.56 -16.24 33.89
C GLU A 274 -7.99 -16.45 32.49
N GLY A 275 -7.07 -17.41 32.36
CA GLY A 275 -6.48 -17.68 31.06
C GLY A 275 -7.53 -18.03 30.04
N PHE A 276 -8.54 -18.79 30.45
CA PHE A 276 -9.64 -19.12 29.55
C PHE A 276 -10.34 -17.85 29.05
N ARG A 277 -10.66 -16.93 29.97
CA ARG A 277 -11.34 -15.69 29.58
C ARG A 277 -10.48 -14.87 28.62
N ARG A 278 -9.18 -14.79 28.90
CA ARG A 278 -8.28 -14.04 28.02
C ARG A 278 -8.26 -14.64 26.61
N ALA A 279 -8.14 -15.97 26.51
CA ALA A 279 -8.13 -16.61 25.20
C ALA A 279 -9.48 -16.48 24.51
N ARG A 280 -10.58 -16.52 25.26
CA ARG A 280 -11.88 -16.39 24.62
C ARG A 280 -12.03 -15.01 23.97
N HIS A 281 -11.55 -13.95 24.62
CA HIS A 281 -11.54 -12.66 23.96
C HIS A 281 -10.76 -12.73 22.66
N VAL A 282 -9.49 -13.12 22.75
CA VAL A 282 -8.59 -13.06 21.59
C VAL A 282 -9.17 -13.87 20.44
N VAL A 283 -9.62 -15.09 20.73
CA VAL A 283 -10.11 -15.98 19.69
C VAL A 283 -11.38 -15.41 19.04
N GLY A 284 -12.32 -14.94 19.87
CA GLY A 284 -13.52 -14.34 19.32
C GLY A 284 -13.25 -13.01 18.64
N GLU A 285 -12.25 -12.27 19.13
CA GLU A 285 -11.94 -10.96 18.55
C GLU A 285 -11.34 -11.10 17.16
N ILE A 286 -10.51 -12.11 16.95
CA ILE A 286 -9.99 -12.40 15.61
C ILE A 286 -11.14 -12.66 14.64
N ARG A 287 -12.09 -13.52 15.04
CA ARG A 287 -13.25 -13.82 14.20
C ARG A 287 -14.11 -12.57 13.95
N ARG A 288 -14.35 -11.77 15.00
CA ARG A 288 -15.09 -10.51 14.87
C ARG A 288 -14.42 -9.57 13.87
N THR A 289 -13.09 -9.52 13.88
CA THR A 289 -12.39 -8.60 13.00
C THR A 289 -12.53 -9.01 11.53
N ALA A 290 -12.45 -10.31 11.25
CA ALA A 290 -12.73 -10.78 9.90
C ALA A 290 -14.16 -10.48 9.49
N GLN A 291 -15.12 -10.70 10.39
CA GLN A 291 -16.51 -10.39 10.06
C GLN A 291 -16.71 -8.90 9.86
N ALA A 292 -15.99 -8.06 10.61
CA ALA A 292 -16.16 -6.62 10.47
C ALA A 292 -15.62 -6.15 9.13
N ALA A 293 -14.48 -6.67 8.70
CA ALA A 293 -13.97 -6.32 7.37
C ALA A 293 -14.99 -6.67 6.28
N ALA A 294 -15.62 -7.84 6.39
CA ALA A 294 -16.66 -8.21 5.44
C ALA A 294 -17.84 -7.24 5.52
N ALA A 295 -18.27 -6.91 6.74
CA ALA A 295 -19.38 -5.97 6.90
C ALA A 295 -19.06 -4.63 6.25
N LEU A 296 -17.85 -4.12 6.50
CA LEU A 296 -17.42 -2.89 5.86
C LEU A 296 -17.46 -3.00 4.33
N ARG A 297 -17.05 -4.15 3.79
CA ARG A 297 -17.06 -4.33 2.34
C ARG A 297 -18.45 -4.15 1.75
N ARG A 298 -19.49 -4.62 2.44
CA ARG A 298 -20.83 -4.47 1.88
C ARG A 298 -21.56 -3.24 2.39
N GLY A 299 -20.84 -2.31 3.02
CA GLY A 299 -21.48 -1.11 3.55
C GLY A 299 -22.44 -1.37 4.69
N ASP A 300 -22.28 -2.47 5.42
CA ASP A 300 -23.18 -2.82 6.51
C ASP A 300 -22.65 -2.21 7.81
N TYR A 301 -22.90 -0.90 7.97
CA TYR A 301 -22.39 -0.20 9.14
C TYR A 301 -23.05 -0.66 10.42
N ARG A 302 -24.32 -1.08 10.35
CA ARG A 302 -25.01 -1.55 11.54
C ARG A 302 -24.36 -2.82 12.09
N ALA A 303 -24.09 -3.81 11.22
CA ALA A 303 -23.36 -4.99 11.65
C ALA A 303 -21.96 -4.62 12.13
N PHE A 304 -21.23 -3.78 11.37
CA PHE A 304 -19.92 -3.34 11.83
C PHE A 304 -20.01 -2.80 13.26
N GLY A 305 -20.99 -1.93 13.51
CA GLY A 305 -21.11 -1.32 14.82
C GLY A 305 -21.48 -2.31 15.90
N ARG A 306 -22.34 -3.30 15.58
CA ARG A 306 -22.63 -4.32 16.58
C ARG A 306 -21.37 -5.11 16.94
N LEU A 307 -20.52 -5.40 15.95
CA LEU A 307 -19.29 -6.14 16.23
C LEU A 307 -18.36 -5.32 17.11
N MET A 308 -18.27 -4.01 16.84
CA MET A 308 -17.57 -3.09 17.73
C MET A 308 -18.04 -3.22 19.17
N VAL A 309 -19.36 -3.22 19.40
CA VAL A 309 -19.88 -3.26 20.77
C VAL A 309 -19.54 -4.60 21.43
N GLU A 310 -19.65 -5.71 20.69
CA GLU A 310 -19.19 -7.01 21.20
C GLU A 310 -17.69 -6.99 21.48
N SER A 311 -16.91 -6.31 20.63
CA SER A 311 -15.49 -6.14 20.93
C SER A 311 -15.30 -5.41 22.28
N HIS A 312 -16.07 -4.35 22.53
CA HIS A 312 -15.94 -3.66 23.82
C HIS A 312 -16.28 -4.58 25.00
N ARG A 313 -17.41 -5.27 24.94
CA ARG A 313 -17.82 -6.09 26.09
C ARG A 313 -16.81 -7.20 26.35
N SER A 314 -16.28 -7.80 25.28
CA SER A 314 -15.22 -8.79 25.42
C SER A 314 -13.99 -8.20 26.12
N LEU A 315 -13.57 -7.02 25.70
CA LEU A 315 -12.41 -6.37 26.31
C LEU A 315 -12.67 -5.98 27.77
N ARG A 316 -13.89 -5.56 28.06
CA ARG A 316 -14.23 -5.13 29.41
C ARG A 316 -14.30 -6.32 30.38
N ASP A 317 -14.96 -7.40 29.97
CA ASP A 317 -15.33 -8.53 30.82
C ASP A 317 -14.41 -9.73 30.69
N ASP A 318 -13.93 -10.07 29.49
CA ASP A 318 -13.05 -11.22 29.34
C ASP A 318 -11.57 -10.84 29.43
N TYR A 319 -11.13 -9.81 28.70
CA TYR A 319 -9.74 -9.42 28.75
C TYR A 319 -9.43 -8.45 29.88
N GLU A 320 -10.46 -7.82 30.44
CA GLU A 320 -10.32 -6.86 31.53
C GLU A 320 -9.20 -5.86 31.28
N VAL A 321 -9.30 -5.14 30.16
CA VAL A 321 -8.39 -4.03 29.90
C VAL A 321 -9.13 -2.71 29.72
N SER A 322 -10.41 -2.67 30.02
CA SER A 322 -11.12 -1.40 30.00
C SER A 322 -10.94 -0.71 31.34
N CYS A 323 -11.70 0.36 31.56
CA CYS A 323 -11.73 1.04 32.85
C CYS A 323 -13.04 1.80 32.93
N PRO A 324 -13.42 2.28 34.12
CA PRO A 324 -14.74 2.92 34.25
C PRO A 324 -14.93 4.11 33.32
N GLU A 325 -13.87 4.86 33.04
CA GLU A 325 -13.99 6.03 32.16
C GLU A 325 -14.31 5.61 30.73
N LEU A 326 -13.63 4.59 30.21
CA LEU A 326 -13.91 4.10 28.86
C LEU A 326 -15.32 3.53 28.77
N ASP A 327 -15.73 2.75 29.77
CA ASP A 327 -17.06 2.14 29.74
C ASP A 327 -18.16 3.20 29.73
N GLN A 328 -17.99 4.27 30.52
CA GLN A 328 -18.99 5.33 30.54
C GLN A 328 -19.06 6.03 29.18
N LEU A 329 -17.90 6.25 28.55
CA LEU A 329 -17.88 6.89 27.24
C LEU A 329 -18.56 6.03 26.18
N VAL A 330 -18.36 4.72 26.22
CA VAL A 330 -19.00 3.82 25.27
C VAL A 330 -20.51 3.85 25.46
N GLU A 331 -20.98 3.65 26.70
CA GLU A 331 -22.42 3.61 26.95
C GLU A 331 -23.07 4.94 26.56
N ALA A 332 -22.43 6.06 26.90
CA ALA A 332 -22.94 7.35 26.47
C ALA A 332 -23.08 7.40 24.94
N ALA A 333 -22.02 7.02 24.23
CA ALA A 333 -22.06 7.07 22.76
C ALA A 333 -23.22 6.23 22.20
N LEU A 334 -23.41 5.01 22.74
CA LEU A 334 -24.40 4.11 22.17
C LEU A 334 -25.83 4.61 22.36
N ALA A 335 -26.07 5.56 23.26
CA ALA A 335 -27.40 6.12 23.43
C ALA A 335 -27.74 7.21 22.42
N VAL A 336 -26.83 7.59 21.54
CA VAL A 336 -27.05 8.69 20.59
C VAL A 336 -27.61 8.09 19.31
N PRO A 337 -28.79 8.53 18.85
CA PRO A 337 -29.27 8.08 17.54
C PRO A 337 -28.29 8.47 16.44
N GLY A 338 -28.13 7.56 15.48
CA GLY A 338 -27.11 7.71 14.45
C GLY A 338 -25.81 6.96 14.72
N VAL A 339 -25.58 6.52 15.97
CA VAL A 339 -24.37 5.77 16.33
C VAL A 339 -24.58 4.30 16.00
N TYR A 340 -23.65 3.74 15.20
CA TYR A 340 -23.66 2.32 14.88
C TYR A 340 -23.02 1.49 15.99
N GLY A 341 -21.89 1.93 16.52
CA GLY A 341 -21.21 1.19 17.57
C GLY A 341 -20.09 2.03 18.13
N SER A 342 -19.52 1.55 19.24
CA SER A 342 -18.51 2.26 20.00
C SER A 342 -17.75 1.25 20.85
N ARG A 343 -16.48 1.53 21.11
CA ARG A 343 -15.64 0.62 21.88
C ARG A 343 -14.35 1.34 22.26
N MET A 344 -13.71 0.90 23.34
CA MET A 344 -12.34 1.34 23.58
C MET A 344 -11.45 0.92 22.41
N THR A 345 -10.40 1.69 22.19
CA THR A 345 -9.43 1.38 21.14
C THR A 345 -8.03 1.48 21.72
N GLY A 346 -7.10 0.75 21.12
CA GLY A 346 -5.75 0.69 21.66
C GLY A 346 -5.66 -0.26 22.85
N GLY A 347 -4.66 0.00 23.70
CA GLY A 347 -4.28 -0.95 24.74
C GLY A 347 -5.27 -1.05 25.89
N GLY A 348 -5.93 0.06 26.25
CA GLY A 348 -6.91 0.07 27.32
C GLY A 348 -6.39 0.81 28.55
N PHE A 349 -7.16 0.70 29.64
CA PHE A 349 -6.82 1.34 30.91
C PHE A 349 -6.79 2.86 30.81
N GLY A 350 -7.40 3.41 29.77
CA GLY A 350 -7.35 4.82 29.49
C GLY A 350 -7.35 5.04 27.98
N GLY A 351 -6.89 6.22 27.58
CA GLY A 351 -6.84 6.51 26.16
C GLY A 351 -8.20 6.79 25.57
N CYS A 352 -8.44 6.28 24.35
CA CYS A 352 -9.58 6.69 23.56
C CYS A 352 -10.59 5.56 23.34
N THR A 353 -11.82 5.98 23.00
CA THR A 353 -12.79 5.11 22.34
C THR A 353 -12.87 5.50 20.87
N VAL A 354 -13.37 4.58 20.05
CA VAL A 354 -13.65 4.86 18.65
C VAL A 354 -15.12 4.55 18.42
N THR A 355 -15.80 5.42 17.69
CA THR A 355 -17.24 5.36 17.47
C THR A 355 -17.52 5.47 15.98
N LEU A 356 -18.29 4.53 15.44
CA LEU A 356 -18.78 4.64 14.07
C LEU A 356 -20.19 5.20 14.09
N LEU A 357 -20.43 6.28 13.33
CA LEU A 357 -21.73 6.94 13.38
C LEU A 357 -22.07 7.63 12.06
N GLU A 358 -23.36 7.92 11.89
CA GLU A 358 -23.78 8.81 10.81
C GLU A 358 -23.10 10.16 10.99
N ALA A 359 -22.50 10.65 9.90
CA ALA A 359 -21.73 11.89 9.97
C ALA A 359 -22.59 13.03 10.50
N SER A 360 -23.87 13.08 10.10
CA SER A 360 -24.75 14.14 10.58
C SER A 360 -25.00 14.06 12.09
N ALA A 361 -24.77 12.90 12.72
CA ALA A 361 -24.99 12.75 14.16
C ALA A 361 -23.79 13.17 15.02
N ALA A 362 -22.68 13.57 14.40
CA ALA A 362 -21.47 13.87 15.17
C ALA A 362 -21.64 15.01 16.17
N PRO A 363 -22.26 16.14 15.81
CA PRO A 363 -22.41 17.21 16.82
C PRO A 363 -23.21 16.77 18.02
N HIS A 364 -24.33 16.08 17.80
CA HIS A 364 -25.08 15.52 18.92
C HIS A 364 -24.24 14.52 19.71
N ALA A 365 -23.52 13.63 19.01
CA ALA A 365 -22.77 12.58 19.72
C ALA A 365 -21.75 13.21 20.68
N MET A 366 -21.04 14.24 20.21
CA MET A 366 -20.03 14.87 21.06
C MET A 366 -20.67 15.58 22.25
N ARG A 367 -21.77 16.30 22.04
CA ARG A 367 -22.42 16.95 23.16
C ARG A 367 -22.92 15.92 24.18
N HIS A 368 -23.58 14.87 23.71
CA HIS A 368 -24.16 13.91 24.63
C HIS A 368 -23.07 13.12 25.37
N ILE A 369 -21.99 12.76 24.69
CA ILE A 369 -20.90 12.05 25.36
C ILE A 369 -20.27 12.93 26.43
N GLN A 370 -20.00 14.20 26.11
CA GLN A 370 -19.38 15.09 27.09
C GLN A 370 -20.29 15.29 28.31
N GLU A 371 -21.59 15.48 28.07
CA GLU A 371 -22.52 15.73 29.16
C GLU A 371 -22.77 14.51 30.02
N HIS A 372 -22.44 13.32 29.53
CA HIS A 372 -22.63 12.10 30.32
C HIS A 372 -21.31 11.47 30.72
N TYR A 373 -20.24 12.26 30.72
CA TYR A 373 -18.91 11.81 31.12
C TYR A 373 -18.45 12.64 32.30
N GLY A 374 -18.06 11.97 33.38
CA GLY A 374 -17.65 12.68 34.59
C GLY A 374 -16.34 13.42 34.42
N GLY A 375 -15.48 12.95 33.51
CA GLY A 375 -14.23 13.62 33.24
C GLY A 375 -14.40 14.72 32.21
N THR A 376 -13.31 15.05 31.54
CA THR A 376 -13.34 16.00 30.44
C THR A 376 -12.88 15.26 29.18
N ALA A 377 -13.83 14.94 28.30
CA ALA A 377 -13.48 14.28 27.05
C ALA A 377 -12.98 15.29 26.02
N THR A 378 -12.11 14.81 25.13
CA THR A 378 -11.64 15.49 23.94
C THR A 378 -12.03 14.66 22.73
N PHE A 379 -12.30 15.30 21.58
CA PHE A 379 -12.84 14.60 20.42
C PHE A 379 -12.03 14.88 19.16
N TYR A 380 -11.93 13.86 18.29
CA TYR A 380 -11.40 14.01 16.94
C TYR A 380 -12.36 13.37 15.95
N LEU A 381 -12.62 14.07 14.86
CA LEU A 381 -13.35 13.55 13.71
C LEU A 381 -12.35 13.36 12.58
N SER A 382 -11.97 12.13 12.31
CA SER A 382 -10.89 11.90 11.36
C SER A 382 -11.36 11.06 10.20
N GLN A 383 -10.85 11.39 9.02
CA GLN A 383 -10.98 10.52 7.87
C GLN A 383 -9.78 9.58 7.84
N ALA A 384 -9.91 8.49 7.10
CA ALA A 384 -8.77 7.60 6.90
C ALA A 384 -7.68 8.36 6.14
N ALA A 385 -6.45 8.30 6.66
CA ALA A 385 -5.35 9.11 6.15
C ALA A 385 -4.25 8.27 5.50
N ASP A 386 -3.39 8.96 4.76
CA ASP A 386 -2.17 8.39 4.21
C ASP A 386 -1.23 7.90 5.31
N GLY A 387 -0.43 6.88 4.98
CA GLY A 387 0.73 6.49 5.74
C GLY A 387 1.96 7.30 5.38
N ALA A 388 3.13 6.67 5.51
CA ALA A 388 4.38 7.42 5.45
C ALA A 388 4.59 8.03 4.06
N LYS A 389 5.03 9.29 4.03
CA LYS A 389 5.33 9.93 2.74
C LYS A 389 6.54 10.85 2.85
N VAL A 390 6.99 11.28 1.67
CA VAL A 390 8.24 12.02 1.50
C VAL A 390 7.99 13.22 0.62
N LEU A 391 8.54 14.38 0.99
CA LEU A 391 8.52 15.55 0.11
C LEU A 391 9.91 16.14 0.02
N CYS A 392 10.48 16.17 -1.18
CA CYS A 392 11.80 16.76 -1.36
C CYS A 392 11.70 18.28 -1.28
N LEU A 393 12.52 18.88 -0.44
CA LEU A 393 12.51 20.35 -0.27
C LEU A 393 13.64 21.01 -1.05
N GLN B 7 19.46 -7.62 -16.44
CA GLN B 7 18.49 -6.68 -15.87
C GLN B 7 19.18 -5.53 -15.13
N PRO B 8 19.26 -4.36 -15.78
CA PRO B 8 19.98 -3.23 -15.17
C PRO B 8 19.42 -2.87 -13.80
N GLN B 9 20.25 -3.02 -12.77
CA GLN B 9 19.80 -2.70 -11.43
C GLN B 9 19.50 -1.21 -11.32
N VAL B 10 18.69 -0.85 -10.32
CA VAL B 10 18.17 0.51 -10.27
C VAL B 10 19.30 1.54 -10.18
N ALA B 11 20.37 1.22 -9.46
CA ALA B 11 21.46 2.18 -9.29
C ALA B 11 22.08 2.55 -10.64
N GLU B 12 22.25 1.55 -11.53
CA GLU B 12 22.74 1.85 -12.87
C GLU B 12 21.81 2.78 -13.62
N LEU B 13 20.49 2.57 -13.49
CA LEU B 13 19.53 3.45 -14.14
C LEU B 13 19.63 4.85 -13.59
N LEU B 14 19.62 4.98 -12.27
CA LEU B 14 19.78 6.27 -11.62
C LEU B 14 21.03 6.99 -12.13
N ALA B 15 22.17 6.30 -12.08
CA ALA B 15 23.43 6.91 -12.50
C ALA B 15 23.37 7.36 -13.95
N GLU B 16 22.88 6.50 -14.84
CA GLU B 16 22.78 6.89 -16.24
C GLU B 16 21.94 8.15 -16.40
N ALA B 17 20.83 8.25 -15.65
CA ALA B 17 19.95 9.39 -15.79
C ALA B 17 20.59 10.66 -15.29
N ARG B 18 21.27 10.59 -14.14
CA ARG B 18 21.93 11.78 -13.59
C ARG B 18 23.07 12.25 -14.47
N ARG B 19 23.78 11.32 -15.13
CA ARG B 19 24.82 11.73 -16.08
C ARG B 19 24.19 12.45 -17.27
N ALA B 20 23.21 11.82 -17.91
CA ALA B 20 22.53 12.46 -19.04
C ALA B 20 21.91 13.78 -18.64
N PHE B 21 21.45 13.91 -17.39
CA PHE B 21 20.90 15.18 -16.95
C PHE B 21 22.00 16.23 -16.83
N ARG B 22 23.07 15.90 -16.10
CA ARG B 22 24.18 16.83 -15.92
C ARG B 22 24.69 17.33 -17.27
N GLU B 23 24.88 16.41 -18.21
CA GLU B 23 25.40 16.76 -19.53
C GLU B 23 24.42 17.63 -20.32
N GLU B 24 23.11 17.42 -20.14
CA GLU B 24 22.11 18.14 -20.91
C GLU B 24 21.78 19.50 -20.31
N PHE B 25 21.60 19.58 -19.01
CA PHE B 25 21.12 20.81 -18.39
C PHE B 25 22.20 21.56 -17.63
N GLY B 26 23.37 20.96 -17.44
CA GLY B 26 24.48 21.67 -16.84
C GLY B 26 24.45 21.79 -15.33
N ALA B 27 23.55 21.07 -14.66
CA ALA B 27 23.50 21.06 -13.19
C ALA B 27 23.14 19.65 -12.73
N GLU B 28 23.23 19.44 -11.41
CA GLU B 28 22.76 18.16 -10.87
C GLU B 28 21.24 18.20 -10.70
N PRO B 29 20.55 17.12 -11.05
CA PRO B 29 19.10 17.07 -10.81
C PRO B 29 18.82 17.07 -9.32
N GLU B 30 17.69 17.67 -8.95
CA GLU B 30 17.36 17.82 -7.53
C GLU B 30 16.59 16.63 -6.95
N LEU B 31 15.98 15.80 -7.79
CA LEU B 31 15.28 14.65 -7.24
C LEU B 31 15.16 13.56 -8.28
N ALA B 32 14.91 12.34 -7.79
CA ALA B 32 14.74 11.18 -8.65
C ALA B 32 13.46 10.46 -8.27
N VAL B 33 12.86 9.84 -9.28
CA VAL B 33 11.59 9.14 -9.13
C VAL B 33 11.66 7.88 -9.99
N SER B 34 10.95 6.82 -9.59
CA SER B 34 10.88 5.61 -10.41
C SER B 34 9.51 4.97 -10.29
N ALA B 35 9.15 4.18 -11.31
CA ALA B 35 7.94 3.37 -11.32
C ALA B 35 8.18 2.17 -12.21
N PRO B 36 7.67 0.99 -11.84
CA PRO B 36 8.04 -0.23 -12.54
C PRO B 36 7.06 -0.63 -13.65
N GLY B 37 7.55 -1.51 -14.52
CA GLY B 37 6.69 -2.33 -15.34
C GLY B 37 6.05 -3.45 -14.53
N ARG B 38 5.28 -4.29 -15.23
CA ARG B 38 4.47 -5.26 -14.49
C ARG B 38 4.27 -6.51 -15.31
N VAL B 39 4.06 -7.62 -14.60
CA VAL B 39 3.56 -8.83 -15.23
C VAL B 39 2.25 -9.17 -14.54
N ASN B 40 1.27 -9.63 -15.29
CA ASN B 40 0.01 -10.07 -14.70
C ASN B 40 0.08 -11.58 -14.53
N LEU B 41 -0.02 -12.05 -13.27
CA LEU B 41 0.07 -13.49 -13.02
C LEU B 41 -1.15 -14.22 -13.56
N ILE B 42 -2.34 -13.64 -13.37
CA ILE B 42 -3.58 -14.21 -13.87
C ILE B 42 -4.66 -13.15 -13.70
N GLY B 43 -5.75 -13.28 -14.47
CA GLY B 43 -6.83 -12.31 -14.42
C GLY B 43 -6.74 -11.35 -15.58
N GLU B 44 -6.91 -11.86 -16.80
CA GLU B 44 -6.64 -11.10 -18.01
C GLU B 44 -7.95 -10.68 -18.67
N HIS B 45 -7.99 -9.44 -19.16
CA HIS B 45 -9.17 -8.85 -19.80
C HIS B 45 -10.36 -8.87 -18.85
N THR B 46 -10.05 -8.73 -17.55
CA THR B 46 -11.05 -8.58 -16.50
C THR B 46 -11.08 -7.20 -15.88
N ASP B 47 -9.99 -6.41 -15.96
CA ASP B 47 -9.97 -5.16 -15.21
C ASP B 47 -11.04 -4.20 -15.73
N TYR B 48 -11.14 -4.03 -17.05
CA TYR B 48 -12.19 -3.15 -17.56
C TYR B 48 -13.58 -3.78 -17.45
N ASN B 49 -13.66 -5.02 -16.95
CA ASN B 49 -14.94 -5.66 -16.64
C ASN B 49 -15.24 -5.65 -15.16
N GLN B 50 -14.57 -4.75 -14.40
CA GLN B 50 -14.72 -4.68 -12.95
C GLN B 50 -14.42 -6.01 -12.28
N GLY B 51 -13.52 -6.79 -12.87
CA GLY B 51 -13.15 -8.09 -12.36
C GLY B 51 -12.01 -8.04 -11.36
N LEU B 52 -11.28 -9.14 -11.28
CA LEU B 52 -10.12 -9.29 -10.40
C LEU B 52 -8.88 -9.48 -11.25
N VAL B 53 -7.76 -8.94 -10.79
CA VAL B 53 -6.46 -9.12 -11.43
C VAL B 53 -5.41 -9.37 -10.35
N LEU B 54 -4.33 -10.04 -10.74
CA LEU B 54 -3.28 -10.42 -9.79
C LEU B 54 -1.92 -10.14 -10.41
N PRO B 55 -1.57 -8.88 -10.59
CA PRO B 55 -0.25 -8.54 -11.14
C PRO B 55 0.83 -8.45 -10.07
N MET B 56 2.06 -8.31 -10.54
CA MET B 56 3.16 -7.98 -9.63
C MET B 56 4.08 -7.04 -10.37
N ALA B 57 4.66 -6.10 -9.61
CA ALA B 57 5.58 -5.14 -10.20
C ALA B 57 6.93 -5.80 -10.45
N LEU B 58 7.64 -5.30 -11.46
CA LEU B 58 8.90 -5.88 -11.89
C LEU B 58 10.08 -4.99 -11.48
N GLU B 59 11.27 -5.58 -11.51
CA GLU B 59 12.47 -4.76 -11.34
C GLU B 59 12.82 -3.96 -12.60
N LEU B 60 12.23 -4.30 -13.74
CA LEU B 60 12.28 -3.40 -14.88
C LEU B 60 11.47 -2.14 -14.57
N MET B 61 12.07 -0.96 -14.78
CA MET B 61 11.42 0.26 -14.33
C MET B 61 11.82 1.44 -15.21
N THR B 62 11.08 2.53 -15.05
CA THR B 62 11.37 3.82 -15.65
C THR B 62 11.80 4.77 -14.54
N VAL B 63 12.85 5.56 -14.80
CA VAL B 63 13.41 6.49 -13.83
C VAL B 63 13.38 7.89 -14.43
N LEU B 64 12.89 8.86 -13.66
CA LEU B 64 12.99 10.26 -14.01
C LEU B 64 13.84 10.98 -12.97
N VAL B 65 14.71 11.85 -13.45
CA VAL B 65 15.44 12.76 -12.58
C VAL B 65 15.29 14.15 -13.18
N GLY B 66 15.07 15.14 -12.33
CA GLY B 66 14.91 16.48 -12.85
C GLY B 66 14.79 17.50 -11.76
N SER B 67 14.44 18.72 -12.17
CA SER B 67 14.37 19.84 -11.25
C SER B 67 13.27 20.78 -11.70
N PRO B 68 12.63 21.48 -10.76
CA PRO B 68 11.65 22.49 -11.16
C PRO B 68 12.32 23.62 -11.91
N ARG B 69 11.56 24.30 -12.75
CA ARG B 69 12.02 25.46 -13.48
C ARG B 69 11.25 26.69 -13.02
N LYS B 70 11.75 27.86 -13.40
CA LYS B 70 11.07 29.10 -13.09
C LYS B 70 10.42 29.74 -14.31
N ASP B 71 10.61 29.18 -15.50
CA ASP B 71 10.15 29.77 -16.74
C ASP B 71 8.90 29.11 -17.30
N GLY B 72 8.27 28.20 -16.55
CA GLY B 72 7.02 27.62 -17.01
C GLY B 72 7.14 26.73 -18.22
N LEU B 73 8.34 26.25 -18.54
CA LEU B 73 8.55 25.34 -19.65
C LEU B 73 8.86 23.94 -19.15
N VAL B 74 8.55 22.96 -19.99
CA VAL B 74 8.92 21.57 -19.74
C VAL B 74 10.02 21.18 -20.71
N SER B 75 11.12 20.65 -20.17
CA SER B 75 12.27 20.25 -20.99
C SER B 75 12.62 18.80 -20.67
N LEU B 76 12.45 17.91 -21.65
CA LEU B 76 12.64 16.49 -21.45
C LEU B 76 13.71 15.94 -22.40
N LEU B 77 14.45 14.95 -21.90
CA LEU B 77 15.35 14.14 -22.71
C LEU B 77 15.24 12.70 -22.25
N THR B 78 15.23 11.76 -23.20
CA THR B 78 15.25 10.34 -22.88
C THR B 78 16.43 9.69 -23.56
N THR B 79 17.03 8.70 -22.89
CA THR B 79 18.11 7.91 -23.45
C THR B 79 17.64 6.57 -24.01
N SER B 80 16.35 6.24 -23.86
CA SER B 80 15.86 4.96 -24.32
C SER B 80 16.03 4.83 -25.84
N GLU B 81 16.66 3.71 -26.25
CA GLU B 81 17.03 3.54 -27.64
C GLU B 81 15.80 3.45 -28.55
N GLY B 82 14.73 2.80 -28.08
CA GLY B 82 13.53 2.62 -28.88
C GLY B 82 12.60 3.82 -28.97
N ALA B 83 12.90 4.92 -28.28
CA ALA B 83 12.05 6.09 -28.36
C ALA B 83 12.19 6.77 -29.73
N ASP B 84 11.05 7.19 -30.29
CA ASP B 84 11.07 7.88 -31.57
C ASP B 84 11.56 9.32 -31.41
N GLU B 85 12.07 9.89 -32.52
CA GLU B 85 12.75 11.18 -32.53
C GLU B 85 11.75 12.34 -32.59
N PRO B 86 12.11 13.51 -32.01
CA PRO B 86 13.37 13.71 -31.28
C PRO B 86 13.36 13.06 -29.90
N GLN B 87 14.54 12.82 -29.34
CA GLN B 87 14.65 12.29 -27.99
C GLN B 87 14.83 13.38 -26.95
N ARG B 88 14.91 14.63 -27.39
CA ARG B 88 14.81 15.79 -26.51
C ARG B 88 13.70 16.67 -27.07
N LEU B 89 13.08 17.45 -26.20
CA LEU B 89 12.13 18.45 -26.66
C LEU B 89 11.81 19.36 -25.50
N GLN B 90 11.17 20.48 -25.83
CA GLN B 90 10.86 21.49 -24.83
C GLN B 90 9.52 22.11 -25.22
N PHE B 91 8.62 22.26 -24.25
CA PHE B 91 7.32 22.84 -24.56
C PHE B 91 6.81 23.59 -23.34
N PRO B 92 5.93 24.56 -23.53
CA PRO B 92 5.35 25.27 -22.38
C PRO B 92 4.22 24.47 -21.74
N LEU B 93 4.05 24.68 -20.45
CA LEU B 93 2.90 24.12 -19.75
C LEU B 93 1.61 24.70 -20.34
N PRO B 94 0.48 24.03 -20.15
CA PRO B 94 -0.78 24.53 -20.72
C PRO B 94 -1.11 25.90 -20.15
N THR B 95 -1.82 26.70 -20.95
CA THR B 95 -2.24 28.04 -20.57
C THR B 95 -3.76 28.10 -20.40
N ALA B 96 -4.25 29.29 -20.05
CA ALA B 96 -5.67 29.48 -19.78
C ALA B 96 -6.52 29.03 -20.96
N GLN B 97 -6.04 29.27 -22.18
CA GLN B 97 -6.80 28.91 -23.37
C GLN B 97 -6.25 27.68 -24.09
N ARG B 98 -5.00 27.31 -23.87
CA ARG B 98 -4.30 26.33 -24.71
C ARG B 98 -3.86 25.14 -23.86
N SER B 99 -4.45 23.97 -24.11
CA SER B 99 -4.06 22.76 -23.41
C SER B 99 -2.93 22.08 -24.17
N LEU B 100 -2.36 21.04 -23.55
CA LEU B 100 -1.51 20.15 -24.32
C LEU B 100 -2.38 19.24 -25.17
N GLU B 101 -1.80 18.75 -26.26
CA GLU B 101 -2.46 17.74 -27.08
C GLU B 101 -1.41 16.75 -27.55
N PRO B 102 -1.84 15.56 -27.96
CA PRO B 102 -0.86 14.56 -28.42
C PRO B 102 -0.25 14.96 -29.76
N GLY B 103 1.02 14.64 -29.94
CA GLY B 103 1.74 15.00 -31.15
C GLY B 103 3.02 14.20 -31.36
N THR B 104 4.10 14.89 -31.75
CA THR B 104 5.39 14.25 -31.94
C THR B 104 6.41 14.85 -30.99
N PRO B 105 7.31 14.02 -30.40
CA PRO B 105 7.37 12.57 -30.59
C PRO B 105 6.36 11.81 -29.75
N ARG B 106 6.07 10.57 -30.15
CA ARG B 106 5.03 9.77 -29.53
C ARG B 106 5.35 9.45 -28.05
N TRP B 107 6.62 9.14 -27.76
CA TRP B 107 6.98 8.79 -26.38
C TRP B 107 6.67 9.92 -25.41
N ALA B 108 6.71 11.18 -25.87
CA ALA B 108 6.45 12.31 -24.98
C ALA B 108 4.97 12.51 -24.72
N ASN B 109 4.09 11.92 -25.55
CA ASN B 109 2.66 12.04 -25.31
C ASN B 109 2.26 11.46 -23.95
N TYR B 110 3.01 10.49 -23.45
CA TYR B 110 2.68 9.93 -22.14
C TYR B 110 2.95 10.95 -21.04
N VAL B 111 4.06 11.70 -21.17
CA VAL B 111 4.36 12.74 -20.20
C VAL B 111 3.36 13.88 -20.31
N LYS B 112 3.13 14.34 -21.55
CA LYS B 112 2.18 15.42 -21.78
C LYS B 112 0.80 15.06 -21.24
N GLY B 113 0.37 13.81 -21.46
CA GLY B 113 -0.94 13.40 -20.98
C GLY B 113 -1.09 13.51 -19.47
N VAL B 114 -0.09 13.06 -18.71
CA VAL B 114 -0.18 13.12 -17.26
C VAL B 114 -0.20 14.57 -16.78
N ILE B 115 0.63 15.43 -17.38
CA ILE B 115 0.59 16.85 -17.08
C ILE B 115 -0.81 17.42 -17.35
N GLN B 116 -1.40 17.05 -18.49
CA GLN B 116 -2.68 17.62 -18.89
C GLN B 116 -3.77 17.34 -17.85
N TYR B 117 -3.78 16.14 -17.27
CA TYR B 117 -4.83 15.75 -16.33
C TYR B 117 -4.40 15.78 -14.87
N TYR B 118 -3.17 16.20 -14.57
CA TYR B 118 -2.71 16.26 -13.20
C TYR B 118 -3.65 17.15 -12.39
N PRO B 119 -4.14 16.69 -11.23
CA PRO B 119 -5.25 17.39 -10.56
C PRO B 119 -4.87 18.56 -9.65
N ALA B 120 -3.60 18.77 -9.34
CA ALA B 120 -3.22 19.83 -8.42
C ALA B 120 -2.45 20.93 -9.16
N ALA B 121 -2.64 22.15 -8.67
CA ALA B 121 -2.07 23.37 -9.24
C ALA B 121 -1.55 24.21 -8.09
N PRO B 122 -0.58 25.11 -8.36
CA PRO B 122 0.04 25.32 -9.67
C PRO B 122 1.30 24.49 -9.87
N LEU B 123 1.40 23.93 -11.02
CA LEU B 123 2.55 23.14 -11.43
C LEU B 123 3.61 24.04 -12.04
N PRO B 124 4.85 24.00 -11.57
CA PRO B 124 5.90 24.76 -12.25
C PRO B 124 6.41 24.00 -13.46
N GLY B 125 7.18 24.71 -14.28
CA GLY B 125 7.99 24.06 -15.30
C GLY B 125 9.00 23.14 -14.67
N PHE B 126 9.59 22.29 -15.50
CA PHE B 126 10.58 21.37 -14.95
C PHE B 126 11.43 20.82 -16.09
N SER B 127 12.64 20.42 -15.72
CA SER B 127 13.54 19.70 -16.61
C SER B 127 13.72 18.28 -16.07
N ALA B 128 13.74 17.30 -16.98
CA ALA B 128 13.77 15.92 -16.54
C ALA B 128 14.48 15.05 -17.57
N VAL B 129 15.20 14.06 -17.08
CA VAL B 129 15.73 12.99 -17.92
C VAL B 129 14.93 11.72 -17.65
N VAL B 130 14.58 11.01 -18.72
CA VAL B 130 13.79 9.80 -18.65
C VAL B 130 14.62 8.64 -19.18
N VAL B 131 14.82 7.61 -18.34
CA VAL B 131 15.44 6.37 -18.77
C VAL B 131 14.52 5.22 -18.39
N SER B 132 14.74 4.07 -19.01
CA SER B 132 13.92 2.92 -18.67
C SER B 132 14.63 1.63 -19.04
N SER B 133 14.35 0.59 -18.25
CA SER B 133 14.71 -0.77 -18.61
C SER B 133 13.50 -1.62 -18.96
N VAL B 134 12.31 -1.03 -19.01
CA VAL B 134 11.13 -1.77 -19.48
C VAL B 134 11.14 -1.77 -21.01
N PRO B 135 11.06 -2.94 -21.66
CA PRO B 135 11.12 -2.96 -23.13
C PRO B 135 9.95 -2.22 -23.75
N LEU B 136 10.24 -1.17 -24.52
CA LEU B 136 9.20 -0.25 -24.95
C LEU B 136 8.18 -0.97 -25.83
N GLY B 137 6.93 -0.97 -25.39
CA GLY B 137 5.90 -1.72 -26.09
C GLY B 137 6.04 -3.21 -25.99
N GLY B 138 6.82 -3.71 -25.02
CA GLY B 138 7.10 -5.13 -24.92
C GLY B 138 6.00 -5.98 -24.29
N GLY B 139 4.97 -5.36 -23.74
CA GLY B 139 3.92 -6.09 -23.06
C GLY B 139 4.02 -6.11 -21.55
N LEU B 140 5.01 -5.41 -20.98
CA LEU B 140 5.19 -5.29 -19.54
C LEU B 140 4.85 -3.89 -19.05
N SER B 141 4.11 -3.14 -19.87
CA SER B 141 3.49 -1.88 -19.47
CA SER B 141 3.49 -1.88 -19.50
C SER B 141 4.50 -0.75 -19.38
N SER B 142 5.35 -0.58 -20.41
CA SER B 142 6.32 0.52 -20.38
C SER B 142 5.64 1.87 -20.29
N SER B 143 4.52 2.07 -21.01
CA SER B 143 3.85 3.37 -20.96
C SER B 143 3.27 3.66 -19.57
N ALA B 144 2.70 2.64 -18.92
CA ALA B 144 2.18 2.86 -17.58
C ALA B 144 3.30 3.27 -16.62
N SER B 145 4.48 2.66 -16.75
CA SER B 145 5.58 3.04 -15.85
C SER B 145 6.04 4.48 -16.12
N LEU B 146 6.04 4.90 -17.39
CA LEU B 146 6.36 6.29 -17.68
C LEU B 146 5.28 7.22 -17.15
N GLU B 147 4.00 6.84 -17.30
CA GLU B 147 2.93 7.68 -16.79
C GLU B 147 3.03 7.84 -15.28
N VAL B 148 3.27 6.73 -14.57
CA VAL B 148 3.27 6.75 -13.11
C VAL B 148 4.53 7.42 -12.57
N ALA B 149 5.66 7.23 -13.25
CA ALA B 149 6.87 7.96 -12.88
C ALA B 149 6.68 9.46 -13.04
N THR B 150 6.08 9.88 -14.16
CA THR B 150 5.77 11.28 -14.36
C THR B 150 4.86 11.82 -13.26
N TYR B 151 3.75 11.10 -12.99
CA TYR B 151 2.85 11.52 -11.93
C TYR B 151 3.58 11.67 -10.59
N THR B 152 4.41 10.68 -10.26
CA THR B 152 5.16 10.72 -9.01
C THR B 152 6.08 11.94 -8.98
N PHE B 153 6.68 12.28 -10.12
CA PHE B 153 7.49 13.49 -10.20
C PHE B 153 6.64 14.74 -9.97
N LEU B 154 5.51 14.84 -10.65
CA LEU B 154 4.64 16.00 -10.47
C LEU B 154 4.19 16.15 -9.02
N GLN B 155 4.00 15.03 -8.31
CA GLN B 155 3.62 15.09 -6.90
C GLN B 155 4.69 15.78 -6.06
N GLN B 156 5.96 15.65 -6.43
CA GLN B 156 7.01 16.36 -5.72
C GLN B 156 7.04 17.84 -6.09
N LEU B 157 6.55 18.20 -7.28
CA LEU B 157 6.52 19.61 -7.68
C LEU B 157 5.35 20.35 -7.07
N CYS B 158 4.21 19.66 -6.91
CA CYS B 158 2.96 20.22 -6.46
C CYS B 158 2.13 19.10 -5.83
N PRO B 159 2.26 18.86 -4.53
CA PRO B 159 1.58 17.71 -3.91
C PRO B 159 0.09 17.72 -4.22
N ASP B 160 -0.43 16.55 -4.60
CA ASP B 160 -1.86 16.37 -4.70
C ASP B 160 -2.39 16.05 -3.31
N SER B 161 -3.69 15.89 -3.17
CA SER B 161 -4.21 15.44 -1.87
C SER B 161 -5.17 14.29 -2.08
N GLY B 162 -4.86 13.44 -3.05
CA GLY B 162 -5.80 12.46 -3.54
C GLY B 162 -5.50 11.05 -3.06
N THR B 163 -6.24 10.12 -3.66
CA THR B 163 -6.15 8.70 -3.38
C THR B 163 -5.32 8.01 -4.46
N ILE B 164 -4.94 6.77 -4.16
CA ILE B 164 -4.19 5.96 -5.12
C ILE B 164 -5.02 5.75 -6.39
N ALA B 165 -6.30 5.43 -6.23
CA ALA B 165 -7.18 5.22 -7.37
C ALA B 165 -7.27 6.47 -8.25
N ALA B 166 -7.35 7.66 -7.65
CA ALA B 166 -7.40 8.88 -8.44
C ALA B 166 -6.12 9.06 -9.25
N ARG B 167 -4.96 8.76 -8.67
CA ARG B 167 -3.70 8.87 -9.41
C ARG B 167 -3.66 7.90 -10.57
N ALA B 168 -4.07 6.65 -10.32
CA ALA B 168 -4.12 5.67 -11.39
C ALA B 168 -5.05 6.11 -12.52
N GLN B 169 -6.17 6.75 -12.17
CA GLN B 169 -7.13 7.19 -13.20
C GLN B 169 -6.57 8.35 -14.04
N VAL B 170 -5.77 9.24 -13.42
CA VAL B 170 -5.09 10.26 -14.21
C VAL B 170 -4.18 9.61 -15.24
N CYS B 171 -3.34 8.67 -14.80
CA CYS B 171 -2.43 8.03 -15.76
C CYS B 171 -3.24 7.24 -16.79
N GLN B 172 -4.31 6.59 -16.35
CA GLN B 172 -5.20 5.91 -17.28
C GLN B 172 -5.79 6.89 -18.30
N GLN B 173 -6.16 8.09 -17.86
CA GLN B 173 -6.73 9.06 -18.79
C GLN B 173 -5.71 9.50 -19.82
N ALA B 174 -4.47 9.73 -19.39
CA ALA B 174 -3.42 10.08 -20.35
C ALA B 174 -3.25 9.00 -21.40
N GLU B 175 -3.27 7.73 -20.98
CA GLU B 175 -3.18 6.63 -21.91
C GLU B 175 -4.33 6.66 -22.91
N HIS B 176 -5.56 6.86 -22.42
CA HIS B 176 -6.73 6.86 -23.30
C HIS B 176 -6.64 8.02 -24.30
N SER B 177 -6.48 9.25 -23.78
CA SER B 177 -6.60 10.46 -24.58
C SER B 177 -5.33 10.80 -25.34
N PHE B 178 -4.15 10.48 -24.80
CA PHE B 178 -2.91 10.88 -25.43
C PHE B 178 -2.18 9.74 -26.13
N ALA B 179 -2.60 8.49 -25.94
CA ALA B 179 -2.05 7.39 -26.73
C ALA B 179 -3.13 6.59 -27.43
N GLY B 180 -4.40 7.00 -27.35
CA GLY B 180 -5.45 6.31 -28.06
C GLY B 180 -5.63 4.88 -27.64
N MET B 181 -5.24 4.51 -26.43
CA MET B 181 -5.33 3.12 -25.98
C MET B 181 -6.25 3.05 -24.78
N PRO B 182 -7.48 2.53 -24.93
CA PRO B 182 -8.48 2.65 -23.82
C PRO B 182 -8.31 1.55 -22.78
N CYS B 183 -7.18 1.60 -22.09
CA CYS B 183 -6.77 0.54 -21.18
C CYS B 183 -7.67 0.50 -19.93
N GLY B 184 -7.64 -0.64 -19.26
CA GLY B 184 -8.17 -0.74 -17.93
C GLY B 184 -7.25 -0.05 -16.92
N ILE B 185 -7.56 -0.29 -15.64
CA ILE B 185 -6.82 0.35 -14.56
C ILE B 185 -5.61 -0.46 -14.08
N MET B 186 -5.50 -1.74 -14.47
CA MET B 186 -4.53 -2.63 -13.85
C MET B 186 -3.11 -2.07 -13.89
N ASP B 187 -2.62 -1.72 -15.09
CA ASP B 187 -1.19 -1.44 -15.28
C ASP B 187 -0.74 -0.26 -14.44
N GLN B 188 -1.52 0.82 -14.43
CA GLN B 188 -1.18 1.99 -13.65
C GLN B 188 -1.27 1.71 -12.17
N PHE B 189 -2.20 0.83 -11.78
CA PHE B 189 -2.43 0.55 -10.38
C PHE B 189 -1.27 -0.25 -9.78
N ILE B 190 -0.82 -1.30 -10.46
CA ILE B 190 0.32 -2.06 -9.94
C ILE B 190 1.60 -1.22 -9.98
N SER B 191 1.77 -0.38 -11.02
CA SER B 191 2.96 0.46 -11.06
C SER B 191 2.99 1.41 -9.87
N LEU B 192 1.82 1.93 -9.48
CA LEU B 192 1.74 2.77 -8.27
C LEU B 192 1.92 1.97 -6.99
N MET B 193 1.25 0.81 -6.88
CA MET B 193 1.05 0.17 -5.59
C MET B 193 1.87 -1.09 -5.37
N GLY B 194 2.74 -1.49 -6.29
CA GLY B 194 3.54 -2.68 -6.05
C GLY B 194 4.34 -2.58 -4.77
N GLN B 195 4.70 -3.74 -4.23
CA GLN B 195 5.62 -3.82 -3.08
C GLN B 195 6.53 -5.01 -3.29
N LYS B 196 7.82 -4.81 -3.02
CA LYS B 196 8.78 -5.92 -3.08
C LYS B 196 8.25 -7.13 -2.35
N GLY B 197 8.38 -8.30 -2.98
CA GLY B 197 7.99 -9.54 -2.34
C GLY B 197 6.50 -9.74 -2.23
N HIS B 198 5.72 -9.08 -3.08
CA HIS B 198 4.26 -9.22 -3.02
C HIS B 198 3.69 -9.16 -4.43
N ALA B 199 2.66 -9.98 -4.66
CA ALA B 199 1.71 -9.74 -5.72
C ALA B 199 0.58 -8.86 -5.18
N LEU B 200 -0.19 -8.26 -6.09
CA LEU B 200 -1.23 -7.32 -5.72
C LEU B 200 -2.55 -7.81 -6.29
N LEU B 201 -3.45 -8.28 -5.43
CA LEU B 201 -4.79 -8.66 -5.86
C LEU B 201 -5.65 -7.40 -5.91
N ILE B 202 -6.11 -7.04 -7.09
CA ILE B 202 -6.88 -5.81 -7.27
C ILE B 202 -8.31 -6.19 -7.61
N ASP B 203 -9.23 -5.72 -6.79
CA ASP B 203 -10.64 -5.81 -7.10
C ASP B 203 -11.01 -4.57 -7.91
N CYS B 204 -11.22 -4.74 -9.21
CA CYS B 204 -11.45 -3.57 -10.05
C CYS B 204 -12.90 -3.07 -9.99
N ARG B 205 -13.74 -3.64 -9.13
CA ARG B 205 -15.05 -3.07 -8.85
C ARG B 205 -14.99 -2.17 -7.62
N SER B 206 -14.62 -2.75 -6.47
CA SER B 206 -14.52 -1.99 -5.23
C SER B 206 -13.27 -1.15 -5.14
N LEU B 207 -12.21 -1.49 -5.88
CA LEU B 207 -10.91 -0.83 -5.78
C LEU B 207 -10.19 -1.19 -4.47
N GLU B 208 -10.68 -2.20 -3.76
CA GLU B 208 -9.91 -2.82 -2.70
C GLU B 208 -8.72 -3.56 -3.29
N THR B 209 -7.59 -3.50 -2.59
CA THR B 209 -6.37 -4.19 -3.01
C THR B 209 -5.81 -4.96 -1.83
N SER B 210 -5.21 -6.11 -2.11
CA SER B 210 -4.53 -6.92 -1.09
C SER B 210 -3.10 -7.17 -1.55
N LEU B 211 -2.15 -7.00 -0.63
CA LEU B 211 -0.76 -7.34 -0.89
C LEU B 211 -0.55 -8.78 -0.43
N VAL B 212 -0.35 -9.67 -1.40
CA VAL B 212 -0.17 -11.11 -1.12
C VAL B 212 1.32 -11.40 -1.12
N PRO B 213 1.91 -11.80 0.02
CA PRO B 213 3.36 -12.02 0.05
C PRO B 213 3.79 -13.17 -0.86
N LEU B 214 4.92 -12.97 -1.52
CA LEU B 214 5.58 -13.98 -2.37
C LEU B 214 6.95 -14.21 -1.78
N SER B 215 7.00 -14.97 -0.69
CA SER B 215 8.23 -15.14 0.06
C SER B 215 8.70 -16.59 0.06
N ASP B 216 8.60 -17.25 -1.10
CA ASP B 216 9.24 -18.55 -1.27
C ASP B 216 10.42 -18.37 -2.21
N PRO B 217 11.65 -18.28 -1.71
CA PRO B 217 12.80 -18.07 -2.60
C PRO B 217 13.04 -19.23 -3.54
N LYS B 218 12.43 -20.39 -3.34
CA LYS B 218 12.59 -21.45 -4.32
C LYS B 218 11.59 -21.38 -5.46
N LEU B 219 10.62 -20.47 -5.37
CA LEU B 219 9.64 -20.26 -6.43
C LEU B 219 10.09 -19.11 -7.31
N ALA B 220 9.91 -19.27 -8.63
CA ALA B 220 10.33 -18.23 -9.55
C ALA B 220 9.22 -17.88 -10.54
N VAL B 221 9.32 -16.67 -11.10
CA VAL B 221 8.46 -16.21 -12.18
C VAL B 221 9.34 -15.91 -13.38
N LEU B 222 9.14 -16.64 -14.47
CA LEU B 222 9.88 -16.46 -15.71
C LEU B 222 9.01 -15.72 -16.71
N ILE B 223 9.49 -14.58 -17.19
CA ILE B 223 8.80 -13.84 -18.26
C ILE B 223 9.51 -14.14 -19.57
N THR B 224 8.75 -14.46 -20.62
CA THR B 224 9.34 -14.76 -21.92
C THR B 224 8.74 -13.82 -22.96
N ASN B 225 9.58 -12.98 -23.54
CA ASN B 225 9.15 -12.09 -24.61
C ASN B 225 9.13 -12.85 -25.93
N SER B 226 7.95 -12.96 -26.55
CA SER B 226 7.86 -13.49 -27.90
C SER B 226 8.58 -12.60 -28.91
N ASN B 227 8.73 -11.31 -28.59
CA ASN B 227 9.38 -10.33 -29.47
C ASN B 227 8.61 -10.17 -30.78
N VAL B 228 7.31 -10.43 -30.72
CA VAL B 228 6.38 -10.18 -31.80
C VAL B 228 5.26 -9.31 -31.26
N ARG B 229 4.79 -8.35 -32.08
CA ARG B 229 3.61 -7.56 -31.73
C ARG B 229 2.82 -7.31 -33.01
N HIS B 230 1.69 -8.00 -33.14
CA HIS B 230 0.83 -7.85 -34.30
C HIS B 230 -0.03 -6.58 -34.17
N SER B 231 -0.39 -6.02 -35.32
CA SER B 231 -1.15 -4.76 -35.33
C SER B 231 -2.49 -4.88 -34.63
N LEU B 232 -3.04 -6.09 -34.49
CA LEU B 232 -4.34 -6.24 -33.83
C LEU B 232 -4.29 -5.80 -32.38
N ALA B 233 -3.12 -5.92 -31.74
CA ALA B 233 -3.00 -5.56 -30.32
C ALA B 233 -3.57 -4.18 -30.02
N SER B 234 -3.53 -3.29 -31.01
CA SER B 234 -4.14 -1.98 -30.87
C SER B 234 -5.56 -1.92 -31.39
N SER B 235 -5.88 -2.65 -32.46
CA SER B 235 -7.22 -2.57 -33.06
C SER B 235 -8.24 -3.39 -32.30
N GLU B 236 -7.87 -4.61 -31.93
CA GLU B 236 -8.82 -5.57 -31.37
C GLU B 236 -9.12 -5.31 -29.89
N TYR B 237 -8.21 -4.68 -29.16
CA TYR B 237 -8.46 -4.41 -27.74
C TYR B 237 -9.71 -3.55 -27.52
N PRO B 238 -9.89 -2.40 -28.17
CA PRO B 238 -11.15 -1.65 -27.95
C PRO B 238 -12.37 -2.39 -28.43
N VAL B 239 -12.24 -3.29 -29.40
CA VAL B 239 -13.38 -4.09 -29.85
C VAL B 239 -13.81 -5.06 -28.73
N ARG B 240 -12.84 -5.64 -28.02
CA ARG B 240 -13.20 -6.54 -26.92
C ARG B 240 -13.93 -5.79 -25.81
N ARG B 241 -13.46 -4.59 -25.46
CA ARG B 241 -14.16 -3.76 -24.48
C ARG B 241 -15.63 -3.55 -24.86
N ARG B 242 -15.87 -3.13 -26.11
CA ARG B 242 -17.23 -2.84 -26.57
C ARG B 242 -18.10 -4.09 -26.58
N GLN B 243 -17.56 -5.22 -27.04
CA GLN B 243 -18.31 -6.47 -26.98
C GLN B 243 -18.74 -6.81 -25.56
N CYS B 244 -17.85 -6.60 -24.59
CA CYS B 244 -18.17 -6.91 -23.20
C CYS B 244 -19.27 -5.99 -22.68
N GLU B 245 -19.13 -4.68 -22.92
CA GLU B 245 -20.21 -3.74 -22.63
C GLU B 245 -21.54 -4.22 -23.18
N GLU B 246 -21.55 -4.70 -24.42
CA GLU B 246 -22.82 -5.02 -25.07
C GLU B 246 -23.37 -6.35 -24.55
N VAL B 247 -22.50 -7.33 -24.29
CA VAL B 247 -22.96 -8.55 -23.66
C VAL B 247 -23.53 -8.28 -22.26
N ALA B 248 -22.85 -7.45 -21.46
CA ALA B 248 -23.36 -7.12 -20.13
C ALA B 248 -24.71 -6.41 -20.21
N ARG B 249 -24.86 -5.49 -21.17
CA ARG B 249 -26.15 -4.81 -21.35
C ARG B 249 -27.25 -5.82 -21.72
N ALA B 250 -26.94 -6.72 -22.65
CA ALA B 250 -27.92 -7.74 -23.07
C ALA B 250 -28.31 -8.64 -21.91
N LEU B 251 -27.37 -8.95 -21.01
CA LEU B 251 -27.67 -9.77 -19.85
C LEU B 251 -28.39 -8.99 -18.76
N GLY B 252 -28.54 -7.68 -18.91
CA GLY B 252 -29.12 -6.88 -17.85
C GLY B 252 -28.19 -6.62 -16.68
N ALA B 253 -26.88 -6.63 -16.91
CA ALA B 253 -25.89 -6.52 -15.84
C ALA B 253 -25.15 -5.20 -15.93
N ALA B 254 -24.81 -4.62 -14.78
CA ALA B 254 -24.01 -3.40 -14.78
C ALA B 254 -22.62 -3.65 -15.37
N SER B 255 -22.12 -4.88 -15.24
CA SER B 255 -20.82 -5.28 -15.77
C SER B 255 -20.81 -6.81 -15.72
N LEU B 256 -19.82 -7.40 -16.39
CA LEU B 256 -19.77 -8.85 -16.31
C LEU B 256 -19.36 -9.35 -14.93
N ARG B 257 -18.85 -8.46 -14.05
CA ARG B 257 -18.58 -8.86 -12.67
C ARG B 257 -19.86 -9.31 -11.96
N GLU B 258 -21.02 -8.77 -12.37
CA GLU B 258 -22.29 -9.11 -11.74
C GLU B 258 -22.90 -10.41 -12.23
N VAL B 259 -22.25 -11.09 -13.17
CA VAL B 259 -22.82 -12.28 -13.80
C VAL B 259 -22.09 -13.50 -13.26
N GLN B 260 -22.83 -14.44 -12.68
CA GLN B 260 -22.28 -15.73 -12.28
C GLN B 260 -22.14 -16.67 -13.46
N LEU B 261 -21.12 -17.52 -13.40
CA LEU B 261 -20.88 -18.46 -14.48
C LEU B 261 -22.09 -19.35 -14.75
N GLU B 262 -22.77 -19.82 -13.70
CA GLU B 262 -23.93 -20.68 -13.91
C GLU B 262 -25.11 -19.90 -14.48
N GLU B 263 -25.31 -18.66 -14.04
CA GLU B 263 -26.34 -17.82 -14.67
C GLU B 263 -26.02 -17.56 -16.14
N LEU B 264 -24.74 -17.30 -16.45
CA LEU B 264 -24.37 -17.05 -17.85
C LEU B 264 -24.63 -18.28 -18.73
N GLU B 265 -24.26 -19.47 -18.22
CA GLU B 265 -24.47 -20.70 -18.98
C GLU B 265 -25.95 -20.88 -19.34
N ALA B 266 -26.85 -20.44 -18.47
CA ALA B 266 -28.29 -20.58 -18.68
C ALA B 266 -28.88 -19.44 -19.51
N ALA B 267 -28.05 -18.48 -19.95
CA ALA B 267 -28.54 -17.27 -20.59
C ALA B 267 -28.13 -17.19 -22.05
N ARG B 268 -27.76 -18.31 -22.67
CA ARG B 268 -27.35 -18.27 -24.06
C ARG B 268 -28.41 -17.62 -24.96
N ASP B 269 -29.69 -17.77 -24.61
CA ASP B 269 -30.73 -17.18 -25.45
C ASP B 269 -30.85 -15.67 -25.30
N LEU B 270 -30.13 -15.05 -24.35
CA LEU B 270 -30.19 -13.60 -24.20
C LEU B 270 -29.11 -12.86 -24.99
N VAL B 271 -28.14 -13.55 -25.57
CA VAL B 271 -26.96 -12.90 -26.11
C VAL B 271 -26.53 -13.60 -27.40
N SER B 272 -25.65 -12.91 -28.14
CA SER B 272 -25.08 -13.49 -29.35
C SER B 272 -24.17 -14.65 -29.00
N LYS B 273 -23.87 -15.47 -30.02
CA LYS B 273 -23.00 -16.62 -29.83
C LYS B 273 -21.58 -16.17 -29.49
N GLU B 274 -21.06 -15.20 -30.24
CA GLU B 274 -19.73 -14.69 -29.93
C GLU B 274 -19.72 -13.91 -28.61
N GLY B 275 -20.76 -13.11 -28.36
CA GLY B 275 -20.86 -12.43 -27.09
C GLY B 275 -20.77 -13.38 -25.92
N PHE B 276 -21.44 -14.53 -26.02
CA PHE B 276 -21.43 -15.51 -24.95
C PHE B 276 -20.04 -16.05 -24.68
N ARG B 277 -19.24 -16.26 -25.73
CA ARG B 277 -17.89 -16.76 -25.55
C ARG B 277 -16.98 -15.71 -24.89
N ARG B 278 -17.17 -14.42 -25.25
CA ARG B 278 -16.40 -13.37 -24.60
C ARG B 278 -16.74 -13.29 -23.11
N ALA B 279 -18.03 -13.33 -22.79
CA ALA B 279 -18.44 -13.28 -21.40
C ALA B 279 -17.97 -14.53 -20.65
N ARG B 280 -17.91 -15.68 -21.32
CA ARG B 280 -17.50 -16.90 -20.62
C ARG B 280 -16.04 -16.82 -20.22
N HIS B 281 -15.18 -16.31 -21.10
CA HIS B 281 -13.82 -16.04 -20.68
C HIS B 281 -13.79 -15.14 -19.45
N VAL B 282 -14.47 -13.99 -19.52
CA VAL B 282 -14.39 -12.97 -18.47
C VAL B 282 -14.92 -13.52 -17.15
N VAL B 283 -16.13 -14.07 -17.17
CA VAL B 283 -16.75 -14.56 -15.95
C VAL B 283 -15.93 -15.72 -15.39
N GLY B 284 -15.49 -16.64 -16.25
CA GLY B 284 -14.61 -17.71 -15.76
C GLY B 284 -13.26 -17.20 -15.29
N GLU B 285 -12.73 -16.18 -15.96
CA GLU B 285 -11.42 -15.66 -15.56
C GLU B 285 -11.50 -14.97 -14.19
N ILE B 286 -12.59 -14.26 -13.92
CA ILE B 286 -12.77 -13.68 -12.59
C ILE B 286 -12.78 -14.79 -11.54
N ARG B 287 -13.52 -15.88 -11.80
CA ARG B 287 -13.55 -16.98 -10.85
C ARG B 287 -12.19 -17.66 -10.73
N ARG B 288 -11.46 -17.79 -11.84
CA ARG B 288 -10.13 -18.40 -11.78
C ARG B 288 -9.17 -17.55 -10.95
N THR B 289 -9.32 -16.23 -10.99
CA THR B 289 -8.39 -15.33 -10.29
C THR B 289 -8.62 -15.37 -8.78
N ALA B 290 -9.87 -15.36 -8.34
CA ALA B 290 -10.16 -15.58 -6.93
C ALA B 290 -9.57 -16.90 -6.46
N GLN B 291 -9.73 -17.95 -7.25
CA GLN B 291 -9.19 -19.26 -6.88
C GLN B 291 -7.67 -19.25 -6.88
N ALA B 292 -7.07 -18.53 -7.82
CA ALA B 292 -5.62 -18.43 -7.86
C ALA B 292 -5.08 -17.68 -6.64
N ALA B 293 -5.76 -16.61 -6.22
CA ALA B 293 -5.32 -15.90 -5.03
C ALA B 293 -5.37 -16.81 -3.80
N ALA B 294 -6.42 -17.62 -3.69
CA ALA B 294 -6.50 -18.56 -2.56
C ALA B 294 -5.40 -19.62 -2.66
N ALA B 295 -5.16 -20.17 -3.86
CA ALA B 295 -4.08 -21.14 -4.01
C ALA B 295 -2.75 -20.54 -3.58
N LEU B 296 -2.48 -19.31 -3.98
CA LEU B 296 -1.22 -18.68 -3.63
C LEU B 296 -1.08 -18.54 -2.11
N ARG B 297 -2.17 -18.18 -1.42
CA ARG B 297 -2.11 -17.99 0.03
C ARG B 297 -1.79 -19.29 0.75
N ARG B 298 -2.22 -20.43 0.22
CA ARG B 298 -1.87 -21.70 0.84
C ARG B 298 -0.67 -22.36 0.18
N GLY B 299 0.03 -21.66 -0.70
CA GLY B 299 1.23 -22.23 -1.31
C GLY B 299 0.95 -23.37 -2.28
N ASP B 300 -0.24 -23.41 -2.88
CA ASP B 300 -0.64 -24.48 -3.81
C ASP B 300 -0.22 -24.05 -5.22
N TYR B 301 1.07 -24.22 -5.51
CA TYR B 301 1.59 -23.79 -6.79
C TYR B 301 1.06 -24.65 -7.92
N ARG B 302 0.81 -25.93 -7.66
CA ARG B 302 0.22 -26.79 -8.69
C ARG B 302 -1.16 -26.28 -9.10
N ALA B 303 -2.01 -25.97 -8.13
CA ALA B 303 -3.33 -25.43 -8.44
C ALA B 303 -3.22 -24.08 -9.13
N PHE B 304 -2.33 -23.21 -8.64
CA PHE B 304 -2.12 -21.93 -9.29
C PHE B 304 -1.72 -22.12 -10.75
N GLY B 305 -0.80 -23.05 -11.01
CA GLY B 305 -0.32 -23.27 -12.37
C GLY B 305 -1.40 -23.81 -13.29
N ARG B 306 -2.25 -24.73 -12.80
CA ARG B 306 -3.36 -25.23 -13.60
C ARG B 306 -4.35 -24.11 -13.95
N LEU B 307 -4.63 -23.24 -12.98
CA LEU B 307 -5.50 -22.10 -13.27
C LEU B 307 -4.89 -21.19 -14.34
N MET B 308 -3.58 -20.98 -14.29
CA MET B 308 -2.90 -20.23 -15.33
C MET B 308 -3.10 -20.86 -16.71
N VAL B 309 -2.98 -22.19 -16.81
CA VAL B 309 -3.11 -22.83 -18.11
C VAL B 309 -4.54 -22.73 -18.60
N GLU B 310 -5.53 -22.82 -17.69
CA GLU B 310 -6.92 -22.60 -18.10
C GLU B 310 -7.15 -21.14 -18.53
N SER B 311 -6.50 -20.18 -17.86
CA SER B 311 -6.57 -18.81 -18.32
C SER B 311 -6.06 -18.68 -19.75
N HIS B 312 -4.92 -19.31 -20.05
CA HIS B 312 -4.40 -19.21 -21.42
C HIS B 312 -5.37 -19.83 -22.43
N ARG B 313 -5.85 -21.04 -22.16
CA ARG B 313 -6.79 -21.70 -23.07
C ARG B 313 -8.02 -20.82 -23.31
N SER B 314 -8.53 -20.20 -22.23
CA SER B 314 -9.70 -19.34 -22.34
C SER B 314 -9.42 -18.12 -23.23
N LEU B 315 -8.26 -17.49 -23.03
CA LEU B 315 -7.88 -16.32 -23.82
C LEU B 315 -7.69 -16.69 -25.29
N ARG B 316 -7.08 -17.85 -25.54
CA ARG B 316 -6.81 -18.30 -26.91
C ARG B 316 -8.09 -18.67 -27.64
N ASP B 317 -8.98 -19.41 -26.99
CA ASP B 317 -10.15 -19.98 -27.65
C ASP B 317 -11.41 -19.11 -27.51
N ASP B 318 -11.74 -18.64 -26.30
CA ASP B 318 -12.99 -17.92 -26.11
C ASP B 318 -12.85 -16.42 -26.38
N TYR B 319 -11.71 -15.82 -26.00
CA TYR B 319 -11.51 -14.39 -26.15
C TYR B 319 -10.68 -14.05 -27.37
N GLU B 320 -9.99 -15.03 -27.94
CA GLU B 320 -9.19 -14.87 -29.17
C GLU B 320 -8.27 -13.66 -29.10
N VAL B 321 -7.38 -13.65 -28.10
CA VAL B 321 -6.40 -12.57 -28.01
C VAL B 321 -4.98 -13.12 -27.89
N SER B 322 -4.82 -14.43 -28.02
CA SER B 322 -3.50 -15.02 -28.14
C SER B 322 -3.00 -14.91 -29.59
N CYS B 323 -1.90 -15.58 -29.90
CA CYS B 323 -1.40 -15.69 -31.26
C CYS B 323 -0.51 -16.92 -31.31
N PRO B 324 -0.23 -17.44 -32.51
CA PRO B 324 0.58 -18.68 -32.59
C PRO B 324 1.88 -18.60 -31.81
N GLU B 325 2.51 -17.43 -31.76
CA GLU B 325 3.79 -17.33 -31.07
C GLU B 325 3.63 -17.52 -29.56
N LEU B 326 2.64 -16.87 -28.97
CA LEU B 326 2.35 -17.07 -27.54
C LEU B 326 1.96 -18.51 -27.27
N ASP B 327 1.11 -19.08 -28.13
CA ASP B 327 0.69 -20.46 -27.91
C ASP B 327 1.88 -21.39 -27.94
N GLN B 328 2.78 -21.20 -28.91
CA GLN B 328 3.95 -22.07 -28.98
C GLN B 328 4.82 -21.92 -27.73
N LEU B 329 4.98 -20.70 -27.23
CA LEU B 329 5.80 -20.48 -26.03
C LEU B 329 5.17 -21.16 -24.81
N VAL B 330 3.83 -21.14 -24.72
CA VAL B 330 3.15 -21.72 -23.57
C VAL B 330 3.28 -23.24 -23.59
N GLU B 331 3.00 -23.86 -24.74
CA GLU B 331 3.12 -25.30 -24.82
C GLU B 331 4.55 -25.75 -24.53
N ALA B 332 5.54 -25.02 -25.04
CA ALA B 332 6.93 -25.38 -24.78
C ALA B 332 7.21 -25.39 -23.27
N ALA B 333 6.86 -24.31 -22.57
CA ALA B 333 7.17 -24.21 -21.13
C ALA B 333 6.51 -25.33 -20.32
N LEU B 334 5.31 -25.74 -20.70
CA LEU B 334 4.60 -26.75 -19.93
C LEU B 334 5.25 -28.11 -20.00
N ALA B 335 6.17 -28.33 -20.94
CA ALA B 335 6.87 -29.61 -21.06
C ALA B 335 8.06 -29.72 -20.14
N VAL B 336 8.45 -28.65 -19.46
CA VAL B 336 9.66 -28.65 -18.64
C VAL B 336 9.29 -29.12 -17.23
N PRO B 337 9.91 -30.17 -16.70
CA PRO B 337 9.67 -30.55 -15.31
C PRO B 337 10.05 -29.41 -14.39
N GLY B 338 9.19 -29.15 -13.40
CA GLY B 338 9.41 -28.05 -12.51
C GLY B 338 8.59 -26.83 -12.81
N VAL B 339 7.86 -26.83 -13.93
CA VAL B 339 6.96 -25.73 -14.32
C VAL B 339 5.55 -26.04 -13.84
N TYR B 340 4.94 -25.11 -13.13
CA TYR B 340 3.58 -25.30 -12.66
C TYR B 340 2.56 -24.86 -13.69
N GLY B 341 2.82 -23.77 -14.39
CA GLY B 341 1.91 -23.29 -15.41
C GLY B 341 2.53 -22.14 -16.17
N SER B 342 1.86 -21.80 -17.27
CA SER B 342 2.33 -20.76 -18.19
C SER B 342 1.11 -20.25 -18.96
N ARG B 343 1.16 -19.00 -19.39
CA ARG B 343 0.06 -18.38 -20.12
C ARG B 343 0.57 -17.08 -20.71
N MET B 344 -0.13 -16.57 -21.73
CA MET B 344 0.12 -15.19 -22.12
C MET B 344 -0.23 -14.24 -20.96
N THR B 345 0.49 -13.14 -20.90
CA THR B 345 0.21 -12.08 -19.94
C THR B 345 -0.02 -10.77 -20.70
N GLY B 346 -0.85 -9.89 -20.13
CA GLY B 346 -1.11 -8.62 -20.75
C GLY B 346 -2.19 -8.71 -21.81
N GLY B 347 -2.16 -7.75 -22.74
CA GLY B 347 -3.29 -7.57 -23.67
C GLY B 347 -3.43 -8.68 -24.70
N GLY B 348 -2.31 -9.20 -25.18
CA GLY B 348 -2.32 -10.29 -26.14
C GLY B 348 -1.79 -9.84 -27.50
N PHE B 349 -1.96 -10.73 -28.48
CA PHE B 349 -1.53 -10.53 -29.87
C PHE B 349 -0.02 -10.33 -29.98
N GLY B 350 0.72 -10.86 -29.03
CA GLY B 350 2.16 -10.69 -28.98
C GLY B 350 2.57 -10.43 -27.56
N GLY B 351 3.76 -9.87 -27.39
CA GLY B 351 4.26 -9.60 -26.05
C GLY B 351 4.84 -10.82 -25.34
N CYS B 352 4.60 -10.94 -24.04
CA CYS B 352 5.26 -11.94 -23.21
C CYS B 352 4.28 -13.01 -22.73
N THR B 353 4.86 -14.15 -22.35
CA THR B 353 4.18 -15.13 -21.50
C THR B 353 4.74 -15.01 -20.07
N VAL B 354 3.97 -15.50 -19.11
CA VAL B 354 4.43 -15.61 -17.74
C VAL B 354 4.36 -17.07 -17.33
N THR B 355 5.43 -17.56 -16.70
CA THR B 355 5.56 -18.96 -16.28
C THR B 355 5.89 -19.01 -14.80
N LEU B 356 5.10 -19.78 -14.04
CA LEU B 356 5.42 -20.04 -12.64
C LEU B 356 6.18 -21.37 -12.56
N LEU B 357 7.34 -21.38 -11.91
CA LEU B 357 8.13 -22.60 -11.89
C LEU B 357 9.12 -22.57 -10.73
N GLU B 358 9.70 -23.73 -10.45
CA GLU B 358 10.81 -23.82 -9.50
C GLU B 358 12.00 -23.01 -10.02
N ALA B 359 12.55 -22.15 -9.16
CA ALA B 359 13.77 -21.41 -9.52
C ALA B 359 14.85 -22.34 -10.06
N SER B 360 14.96 -23.54 -9.48
CA SER B 360 15.99 -24.49 -9.90
C SER B 360 15.77 -24.98 -11.32
N ALA B 361 14.55 -24.90 -11.84
CA ALA B 361 14.29 -25.40 -13.18
C ALA B 361 14.37 -24.31 -14.25
N ALA B 362 14.66 -23.07 -13.86
CA ALA B 362 14.64 -21.98 -14.84
C ALA B 362 15.71 -22.14 -15.93
N PRO B 363 16.95 -22.56 -15.66
CA PRO B 363 17.91 -22.74 -16.76
C PRO B 363 17.41 -23.73 -17.80
N HIS B 364 16.81 -24.84 -17.36
CA HIS B 364 16.28 -25.81 -18.31
C HIS B 364 15.08 -25.26 -19.05
N ALA B 365 14.21 -24.51 -18.36
CA ALA B 365 13.04 -23.96 -19.05
C ALA B 365 13.46 -23.00 -20.16
N MET B 366 14.44 -22.13 -19.88
CA MET B 366 14.90 -21.18 -20.89
C MET B 366 15.54 -21.91 -22.07
N ARG B 367 16.37 -22.90 -21.79
CA ARG B 367 16.98 -23.70 -22.85
C ARG B 367 15.92 -24.38 -23.70
N HIS B 368 14.92 -25.00 -23.06
CA HIS B 368 13.90 -25.74 -23.79
C HIS B 368 12.95 -24.80 -24.53
N ILE B 369 12.47 -23.75 -23.88
CA ILE B 369 11.54 -22.82 -24.53
C ILE B 369 12.20 -22.22 -25.77
N GLN B 370 13.44 -21.74 -25.63
CA GLN B 370 14.12 -21.14 -26.77
C GLN B 370 14.25 -22.13 -27.93
N GLU B 371 14.61 -23.39 -27.63
CA GLU B 371 14.84 -24.36 -28.69
C GLU B 371 13.56 -24.72 -29.44
N HIS B 372 12.42 -24.68 -28.76
CA HIS B 372 11.14 -25.02 -29.39
C HIS B 372 10.33 -23.78 -29.77
N TYR B 373 10.97 -22.63 -29.89
CA TYR B 373 10.32 -21.41 -30.36
C TYR B 373 10.88 -21.09 -31.74
N GLY B 374 10.00 -20.98 -32.73
CA GLY B 374 10.40 -20.66 -34.08
C GLY B 374 10.67 -19.18 -34.27
N GLY B 375 10.95 -18.48 -33.18
CA GLY B 375 11.37 -17.11 -33.20
C GLY B 375 12.56 -16.94 -32.27
N THR B 376 12.87 -15.72 -31.84
CA THR B 376 13.96 -15.47 -30.91
C THR B 376 13.38 -14.94 -29.60
N ALA B 377 13.36 -15.78 -28.57
CA ALA B 377 12.79 -15.40 -27.29
C ALA B 377 13.81 -14.65 -26.44
N THR B 378 13.32 -13.67 -25.70
CA THR B 378 14.03 -12.96 -24.65
C THR B 378 13.44 -13.40 -23.31
N PHE B 379 14.28 -13.45 -22.26
CA PHE B 379 13.86 -13.94 -20.96
C PHE B 379 14.18 -12.94 -19.85
N TYR B 380 13.32 -12.89 -18.83
CA TYR B 380 13.56 -12.14 -17.59
C TYR B 380 13.07 -13.00 -16.42
N LEU B 381 13.93 -13.26 -15.46
CA LEU B 381 13.56 -13.88 -14.19
C LEU B 381 13.29 -12.77 -13.20
N SER B 382 12.04 -12.62 -12.79
CA SER B 382 11.62 -11.42 -12.09
C SER B 382 11.26 -11.73 -10.65
N GLN B 383 11.76 -10.91 -9.74
CA GLN B 383 11.21 -10.88 -8.39
C GLN B 383 10.16 -9.78 -8.30
N ALA B 384 9.17 -10.01 -7.46
CA ALA B 384 8.18 -8.97 -7.19
C ALA B 384 8.87 -7.75 -6.61
N ALA B 385 8.56 -6.58 -7.15
CA ALA B 385 9.30 -5.37 -6.84
C ALA B 385 8.39 -4.31 -6.24
N ASP B 386 9.02 -3.20 -5.86
CA ASP B 386 8.31 -2.03 -5.38
C ASP B 386 7.61 -1.27 -6.50
N GLY B 387 6.55 -0.56 -6.13
CA GLY B 387 5.89 0.37 -7.02
C GLY B 387 6.62 1.71 -7.01
N ALA B 388 5.86 2.78 -7.20
CA ALA B 388 6.46 4.09 -7.41
C ALA B 388 7.23 4.53 -6.17
N LYS B 389 8.33 5.25 -6.37
CA LYS B 389 9.10 5.71 -5.22
C LYS B 389 9.89 6.97 -5.58
N VAL B 390 10.45 7.59 -4.54
CA VAL B 390 11.04 8.92 -4.59
C VAL B 390 12.40 8.87 -3.90
N LEU B 391 13.40 9.52 -4.50
CA LEU B 391 14.69 9.73 -3.84
C LEU B 391 15.09 11.19 -4.04
N CYS B 392 15.14 11.93 -2.94
CA CYS B 392 15.64 13.29 -2.98
C CYS B 392 17.15 13.30 -3.19
N LEU B 393 17.63 14.16 -4.09
CA LEU B 393 19.03 14.18 -4.50
C LEU B 393 19.75 15.45 -4.03
C1 GAL C . -1.29 -0.99 21.46
C2 GAL C . -0.09 -1.82 21.01
C3 GAL C . -0.52 -2.58 19.76
C4 GAL C . -1.73 -3.49 20.11
C5 GAL C . -2.78 -2.69 20.91
C6 GAL C . -3.90 -3.52 21.51
O1 GAL C . -0.94 -0.04 22.38
O2 GAL C . 1.06 -1.03 20.70
O3 GAL C . 0.56 -3.36 19.23
O4 GAL C . -1.33 -4.62 20.86
O5 GAL C . -2.20 -1.93 22.01
O6 GAL C . -4.68 -4.10 20.46
C1 MPD D . 2.79 -11.18 37.08
C2 MPD D . 1.79 -12.12 37.75
O2 MPD D . 1.94 -12.03 39.19
CM MPD D . 2.07 -13.54 37.31
C3 MPD D . 0.36 -11.67 37.42
C4 MPD D . -0.68 -12.78 37.57
O4 MPD D . -0.94 -13.00 38.94
C5 MPD D . -2.00 -12.40 36.93
C1 MPD E . -0.33 -16.90 33.06
C2 MPD E . 0.18 -16.68 34.49
O2 MPD E . -0.48 -15.50 35.02
CM MPD E . 1.68 -16.45 34.42
C3 MPD E . -0.17 -17.86 35.40
C4 MPD E . 0.59 -17.85 36.74
O4 MPD E . 0.40 -16.61 37.40
C5 MPD E . 0.11 -18.98 37.65
C1 MPD F . 6.05 14.65 3.80
C2 MPD F . 4.73 15.39 3.59
O2 MPD F . 4.90 16.80 3.87
CM MPD F . 3.75 14.81 4.57
C3 MPD F . 4.23 15.21 2.16
C4 MPD F . 2.88 15.91 2.02
O4 MPD F . 2.93 16.73 0.89
C5 MPD F . 1.70 14.96 1.92
H11 MPD F . 5.99 13.67 3.31
H12 MPD F . 6.23 14.52 4.86
H13 MPD F . 6.86 15.23 3.35
HO2 MPD F . 4.72 17.31 3.06
HM1 MPD F . 3.54 13.77 4.31
HM2 MPD F . 2.82 15.39 4.54
HM3 MPD F . 4.16 14.85 5.57
H31 MPD F . 4.13 14.15 1.93
H32 MPD F . 4.94 15.64 1.45
H4 MPD F . 2.72 16.48 2.93
HO4 MPD F . 2.47 17.58 1.07
H51 MPD F . 0.97 15.36 1.22
H52 MPD F . 1.24 14.84 2.90
H53 MPD F . 2.04 13.98 1.57
C10 HFK G . 6.13 12.21 26.40
C13 HFK G . 7.33 9.67 25.40
C15 HFK G . 5.23 8.93 23.42
C20 HFK G . 7.05 12.10 20.97
C21 HFK G . 6.42 11.75 19.79
C24 HFK G . 7.44 13.66 18.66
C26 HFK G . 7.89 13.26 21.02
C02 HFK G . 5.29 7.92 27.67
C03 HFK G . 4.51 6.70 28.15
C04 HFK G . 4.28 5.67 27.04
C05 HFK G . 3.66 6.27 25.78
C06 HFK G . 4.50 7.45 25.26
C07 HFK G . 5.30 8.27 26.20
C08 HFK G . 5.84 9.64 25.79
C09 HFK G . 5.30 10.94 26.44
C11 HFK G . 7.62 12.05 26.08
C12 HFK G . 8.14 10.63 26.25
C18 HFK G . 5.86 10.27 21.38
C23 HFK G . 6.60 12.54 18.61
C25 HFK G . 8.08 14.03 19.87
N14 HFK G . 5.86 9.85 24.33
N16 HFK G . 4.57 7.76 23.88
N17 HFK G . 5.25 9.13 22.00
N19 HFK G . 6.70 11.18 21.94
O01 HFK G . 5.92 8.62 28.43
O22 HFK G . 5.68 10.59 20.06
C1 GAL H . -3.40 -4.47 -20.98
C2 GAL H . -4.22 -3.28 -20.53
C3 GAL H . -4.76 -3.63 -19.10
C4 GAL H . -5.53 -4.97 -19.13
C5 GAL H . -4.75 -6.02 -19.95
C6 GAL H . -5.50 -7.32 -20.19
O1 GAL H . -2.63 -4.21 -22.09
O2 GAL H . -3.45 -2.09 -20.43
O3 GAL H . -5.64 -2.63 -18.63
O4 GAL H . -6.81 -4.80 -19.71
O5 GAL H . -4.33 -5.50 -21.26
O6 GAL H . -5.71 -7.96 -18.94
C1 MPD I . 13.89 5.10 -4.58
C2 MPD I . 15.19 4.43 -4.97
O2 MPD I . 14.95 3.03 -5.22
CM MPD I . 16.15 4.51 -3.80
C3 MPD I . 15.80 5.11 -6.20
C4 MPD I . 14.94 5.10 -7.46
O4 MPD I . 13.90 4.15 -7.43
C5 MPD I . 14.37 6.48 -7.69
H11 MPD I . 14.03 6.19 -4.54
H12 MPD I . 13.59 4.75 -3.59
H13 MPD I . 13.12 4.86 -5.31
HO2 MPD I . 15.50 2.74 -5.99
HM1 MPD I . 15.93 5.39 -3.20
HM2 MPD I . 17.18 4.56 -4.16
HM3 MPD I . 16.04 3.61 -3.18
H31 MPD I . 16.01 6.14 -5.94
H32 MPD I . 16.75 4.61 -6.42
H4 MPD I . 15.59 4.80 -8.29
HO4 MPD I . 13.05 4.59 -7.59
H51 MPD I . 13.93 6.54 -8.69
H52 MPD I . 15.16 7.22 -7.61
H53 MPD I . 13.60 6.69 -6.94
C1 MPD J . -9.94 6.91 -18.10
C2 MPD J . -11.44 6.79 -17.83
O2 MPD J . -12.11 7.82 -18.63
CM MPD J . -11.64 7.06 -16.34
C3 MPD J . -11.93 5.40 -18.22
C4 MPD J . -13.43 5.17 -18.13
O4 MPD J . -14.01 5.84 -17.03
C5 MPD J . -14.09 5.65 -19.43
H11 MPD J . -9.55 5.95 -18.43
H12 MPD J . -9.43 7.23 -17.19
H13 MPD J . -9.77 7.66 -18.88
HO2 MPD J . -12.58 8.44 -18.03
HM1 MPD J . -11.65 6.12 -15.81
HM2 MPD J . -12.58 7.59 -16.19
HM3 MPD J . -10.83 7.68 -15.97
H31 MPD J . -11.43 4.68 -17.58
H32 MPD J . -11.61 5.20 -19.25
H4 MPD J . -13.60 4.11 -17.98
HO4 MPD J . -14.16 6.78 -17.27
H51 MPD J . -14.68 6.53 -19.23
H52 MPD J . -14.74 4.86 -19.81
H53 MPD J . -13.32 5.88 -20.16
C10 HFK K . 8.23 3.68 -28.49
C13 HFK K . 5.57 4.57 -27.58
C15 HFK K . 5.61 2.72 -25.24
C20 HFK K . 8.64 4.62 -22.18
C21 HFK K . 8.81 5.14 -23.44
C24 HFK K . 10.68 6.46 -22.62
C26 HFK K . 9.49 4.99 -21.09
C02 HFK K . 3.98 1.84 -29.17
C03 HFK K . 2.74 0.98 -29.28
C04 HFK K . 1.94 0.94 -27.97
C05 HFK K . 2.82 0.55 -26.79
C06 HFK K . 3.98 1.55 -26.63
C07 HFK K . 4.56 2.20 -27.83
C08 HFK K . 5.82 3.06 -27.75
C09 HFK K . 7.06 2.71 -28.58
C11 HFK K . 7.85 5.17 -28.50
C12 HFK K . 6.34 5.44 -28.57
C18 HFK K . 7.11 3.73 -23.48
C23 HFK K . 9.85 6.09 -23.68
C25 HFK K . 10.50 5.92 -21.33
N14 HFK K . 6.27 3.34 -26.37
N16 HFK K . 4.51 1.86 -25.36
N17 HFK K . 6.01 2.92 -23.89
N19 HFK K . 7.59 3.74 -22.23
O01 HFK K . 4.52 2.28 -30.16
O22 HFK K . 7.84 4.58 -24.26
#